data_4XZS
#
_entry.id   4XZS
#
_cell.length_a   75.390
_cell.length_b   56.010
_cell.length_c   100.280
_cell.angle_alpha   90.00
_cell.angle_beta   106.35
_cell.angle_gamma   90.00
#
_symmetry.space_group_name_H-M   'P 1 21 1'
#
loop_
_entity.id
_entity.type
_entity.pdbx_description
1 polymer 'Maltose-binding periplasmic protein,TP53-regulated inhibitor of apoptosis 1'
2 branched alpha-D-glucopyranose-(1-4)-alpha-D-glucopyranose
3 water water
#
_entity_poly.entity_id   1
_entity_poly.type   'polypeptide(L)'
_entity_poly.pdbx_seq_one_letter_code
;MKIEEGKLVIWINGDKGYNGLAEVGKKFEKDTGIKVTVEHPDKLEEKFPQVAATGDGPDIIFWAHDRFGGYAQSGLLAEI
TPAAAFQDKLYPFTWDAVRYNGKLIAYPIAVEALSLIYNKDLLPNPPKTWEEIPALDKELKAKGKSALMFNLQEPYFTWP
LIAADGGYAFKYAAGKYDIKDVGVDNAGAKAGLTFLVDLIKNKHMNADTDYSIAEAAFNKGETAMTINGPWAWSNIDTSA
VNYGVTVLPTFKGQPSKPFVGVLSAGINAASPNKELAKEFLENYLLTDEGLEAVNKDKPLGAVALKSYEEELAKDPRIAA
TMENAQKGEIMPNIPQMSAFWYAVRTAVINAASGRQTVDAALAAAQTNAAANSVGEACTDMKREYDQCFNRWFAEKFLKG
DSSGDPCTDLFKRYQQCVQKAIKEKEIPIEGLEFMGHGKEKPENSS
;
_entity_poly.pdbx_strand_id   A,B
#
loop_
_chem_comp.id
_chem_comp.type
_chem_comp.name
_chem_comp.formula
GLC D-saccharide, alpha linking alpha-D-glucopyranose 'C6 H12 O6'
#
# COMPACT_ATOMS: atom_id res chain seq x y z
N LYS A 2 -12.01 34.05 -14.86
CA LYS A 2 -11.25 33.12 -13.98
C LYS A 2 -11.48 33.50 -12.52
N ILE A 3 -10.81 32.80 -11.63
CA ILE A 3 -11.02 33.01 -10.19
C ILE A 3 -10.75 34.47 -9.78
N GLU A 4 -11.57 35.02 -8.89
CA GLU A 4 -11.36 36.39 -8.41
C GLU A 4 -10.40 36.44 -7.23
N GLU A 5 -9.43 37.36 -7.31
CA GLU A 5 -8.54 37.66 -6.17
CA GLU A 5 -8.54 37.64 -6.16
C GLU A 5 -9.30 38.47 -5.10
N GLY A 6 -9.06 38.16 -3.82
CA GLY A 6 -9.58 38.92 -2.68
C GLY A 6 -10.96 38.47 -2.18
N LYS A 7 -11.32 37.25 -2.48
CA LYS A 7 -12.66 36.78 -2.25
C LYS A 7 -12.51 35.26 -2.14
N LEU A 8 -13.40 34.59 -1.42
CA LEU A 8 -13.36 33.11 -1.37
C LEU A 8 -14.62 32.52 -1.94
N VAL A 9 -14.47 31.57 -2.87
CA VAL A 9 -15.59 30.83 -3.38
C VAL A 9 -15.41 29.39 -2.94
N ILE A 10 -16.39 28.81 -2.27
CA ILE A 10 -16.33 27.42 -1.77
C ILE A 10 -17.41 26.62 -2.47
N TRP A 11 -17.06 25.39 -2.87
CA TRP A 11 -17.99 24.42 -3.38
C TRP A 11 -18.14 23.29 -2.37
N ILE A 12 -19.38 22.91 -2.06
CA ILE A 12 -19.60 21.76 -1.15
C ILE A 12 -20.90 21.09 -1.50
N ASN A 13 -21.01 19.80 -1.19
CA ASN A 13 -22.13 19.04 -1.71
C ASN A 13 -23.46 19.50 -1.07
N GLY A 14 -24.53 19.45 -1.84
CA GLY A 14 -25.83 19.92 -1.39
C GLY A 14 -26.45 19.12 -0.23
N ASP A 15 -25.88 17.98 0.15
CA ASP A 15 -26.38 17.25 1.29
C ASP A 15 -25.70 17.65 2.60
N LYS A 16 -24.75 18.57 2.51
CA LYS A 16 -24.04 19.06 3.70
C LYS A 16 -24.60 20.38 4.19
N GLY A 17 -24.05 20.80 5.33
CA GLY A 17 -24.51 21.99 5.98
C GLY A 17 -23.99 23.25 5.34
N TYR A 18 -24.34 23.48 4.08
CA TYR A 18 -23.84 24.61 3.36
C TYR A 18 -24.36 25.96 3.86
N ASN A 19 -25.57 26.03 4.42
CA ASN A 19 -26.05 27.28 5.03
C ASN A 19 -25.28 27.62 6.32
N GLY A 20 -24.87 26.61 7.07
CA GLY A 20 -24.07 26.81 8.26
C GLY A 20 -22.65 27.21 7.90
N LEU A 21 -22.12 26.63 6.85
CA LEU A 21 -20.81 26.99 6.37
C LEU A 21 -20.83 28.43 5.89
N ALA A 22 -21.91 28.84 5.22
CA ALA A 22 -22.08 30.25 4.81
C ALA A 22 -22.08 31.24 6.01
N GLU A 23 -22.54 30.78 7.18
CA GLU A 23 -22.48 31.60 8.39
C GLU A 23 -21.04 31.75 8.89
N VAL A 24 -20.27 30.67 8.82
CA VAL A 24 -18.84 30.80 9.09
C VAL A 24 -18.19 31.79 8.14
N GLY A 25 -18.60 31.72 6.87
CA GLY A 25 -18.11 32.64 5.84
C GLY A 25 -18.49 34.06 6.13
N LYS A 26 -19.71 34.29 6.64
CA LYS A 26 -20.10 35.64 7.07
C LYS A 26 -19.25 36.17 8.22
N LYS A 27 -18.91 35.32 9.17
CA LYS A 27 -18.06 35.70 10.25
C LYS A 27 -16.66 36.10 9.75
N PHE A 28 -16.11 35.33 8.81
CA PHE A 28 -14.87 35.69 8.17
C PHE A 28 -14.97 37.06 7.53
N GLU A 29 -16.05 37.29 6.80
CA GLU A 29 -16.23 38.61 6.17
C GLU A 29 -16.33 39.77 7.16
N LYS A 30 -17.00 39.55 8.28
CA LYS A 30 -17.20 40.56 9.30
C LYS A 30 -15.85 40.96 9.94
N ASP A 31 -14.99 39.96 10.19
CA ASP A 31 -13.68 40.16 10.78
C ASP A 31 -12.66 40.82 9.82
N THR A 32 -12.75 40.48 8.54
CA THR A 32 -11.68 40.79 7.56
C THR A 32 -12.12 41.60 6.31
N GLY A 33 -13.42 41.75 6.10
CA GLY A 33 -13.93 42.39 4.87
C GLY A 33 -13.79 41.50 3.63
N ILE A 34 -13.38 40.25 3.80
CA ILE A 34 -13.20 39.37 2.64
C ILE A 34 -14.43 38.51 2.44
N LYS A 35 -15.10 38.73 1.33
CA LYS A 35 -16.35 38.04 1.00
C LYS A 35 -16.15 36.52 0.81
N VAL A 36 -17.05 35.73 1.38
CA VAL A 36 -17.04 34.29 1.18
C VAL A 36 -18.37 33.86 0.60
N THR A 37 -18.33 33.18 -0.53
CA THR A 37 -19.54 32.71 -1.19
C THR A 37 -19.52 31.22 -1.22
N VAL A 38 -20.60 30.60 -0.76
CA VAL A 38 -20.73 29.16 -0.75
C VAL A 38 -21.72 28.71 -1.79
N GLU A 39 -21.30 27.79 -2.66
CA GLU A 39 -22.16 27.22 -3.69
C GLU A 39 -22.19 25.71 -3.55
N HIS A 40 -23.25 25.11 -4.06
CA HIS A 40 -23.38 23.64 -4.09
C HIS A 40 -23.84 23.22 -5.51
N PRO A 41 -22.92 23.32 -6.50
CA PRO A 41 -23.29 22.91 -7.87
C PRO A 41 -23.56 21.44 -7.92
N ASP A 42 -24.46 21.02 -8.81
CA ASP A 42 -24.71 19.59 -8.96
C ASP A 42 -23.50 18.92 -9.57
N LYS A 43 -23.26 17.69 -9.14
CA LYS A 43 -22.17 16.89 -9.64
C LYS A 43 -20.85 17.65 -9.55
N LEU A 44 -20.65 18.34 -8.41
CA LEU A 44 -19.50 19.21 -8.26
C LEU A 44 -18.21 18.41 -8.32
N GLU A 45 -18.25 17.14 -7.97
CA GLU A 45 -17.05 16.32 -7.92
C GLU A 45 -16.50 15.97 -9.31
N GLU A 46 -17.37 15.98 -10.31
CA GLU A 46 -16.99 15.85 -11.71
C GLU A 46 -16.74 17.22 -12.36
N LYS A 47 -17.48 18.25 -11.94
CA LYS A 47 -17.27 19.61 -12.48
C LYS A 47 -15.96 20.18 -12.03
N PHE A 48 -15.53 19.87 -10.81
CA PHE A 48 -14.30 20.50 -10.28
C PHE A 48 -13.10 20.26 -11.19
N PRO A 49 -12.78 18.99 -11.50
CA PRO A 49 -11.63 18.77 -12.42
C PRO A 49 -11.74 19.49 -13.75
N GLN A 50 -12.94 19.60 -14.29
CA GLN A 50 -13.11 20.20 -15.59
C GLN A 50 -12.79 21.68 -15.53
N VAL A 51 -13.37 22.42 -14.58
CA VAL A 51 -13.14 23.87 -14.51
C VAL A 51 -11.73 24.20 -13.99
N ALA A 52 -11.28 23.51 -12.96
CA ALA A 52 -9.95 23.76 -12.40
C ALA A 52 -8.82 23.56 -13.42
N ALA A 53 -8.99 22.61 -14.34
CA ALA A 53 -8.00 22.36 -15.39
C ALA A 53 -7.82 23.60 -16.26
N THR A 54 -8.86 24.45 -16.36
CA THR A 54 -8.72 25.77 -17.02
C THR A 54 -8.34 26.91 -16.07
N GLY A 55 -8.00 26.60 -14.83
CA GLY A 55 -7.73 27.63 -13.83
C GLY A 55 -8.96 28.38 -13.33
N ASP A 56 -10.14 27.82 -13.53
CA ASP A 56 -11.37 28.39 -12.94
CA ASP A 56 -11.37 28.38 -12.96
C ASP A 56 -11.81 27.50 -11.76
N GLY A 57 -13.03 27.70 -11.30
CA GLY A 57 -13.59 26.91 -10.22
C GLY A 57 -13.53 27.60 -8.87
N PRO A 58 -13.84 26.86 -7.81
CA PRO A 58 -13.78 27.45 -6.48
C PRO A 58 -12.35 27.61 -5.99
N ASP A 59 -12.18 28.43 -4.97
CA ASP A 59 -10.92 28.48 -4.23
C ASP A 59 -10.78 27.24 -3.36
N ILE A 60 -11.88 26.79 -2.75
CA ILE A 60 -11.89 25.62 -1.85
C ILE A 60 -12.94 24.63 -2.29
N ILE A 61 -12.58 23.37 -2.29
CA ILE A 61 -13.52 22.35 -2.64
C ILE A 61 -13.65 21.33 -1.49
N PHE A 62 -14.90 21.05 -1.11
CA PHE A 62 -15.21 20.01 -0.13
C PHE A 62 -15.73 18.77 -0.83
N TRP A 63 -15.14 17.65 -0.47
CA TRP A 63 -15.69 16.36 -0.84
C TRP A 63 -15.08 15.33 0.10
N ALA A 64 -15.59 14.11 0.10
CA ALA A 64 -14.86 13.05 0.77
C ALA A 64 -13.46 12.86 0.15
N HIS A 65 -12.55 12.32 0.96
CA HIS A 65 -11.13 12.28 0.59
C HIS A 65 -10.80 11.38 -0.62
N ASP A 66 -11.69 10.45 -0.96
CA ASP A 66 -11.39 9.45 -2.01
C ASP A 66 -11.15 10.10 -3.39
N ARG A 67 -11.73 11.27 -3.63
CA ARG A 67 -11.57 11.99 -4.91
C ARG A 67 -10.28 12.86 -5.04
N PHE A 68 -9.61 13.09 -3.93
CA PHE A 68 -8.56 14.11 -3.88
C PHE A 68 -7.27 13.67 -4.51
N GLY A 69 -6.92 12.38 -4.41
CA GLY A 69 -5.71 11.84 -5.07
C GLY A 69 -5.76 12.03 -6.56
N GLY A 70 -6.95 11.88 -7.14
CA GLY A 70 -7.12 12.14 -8.56
C GLY A 70 -6.89 13.60 -8.88
N TYR A 71 -7.43 14.48 -8.04
CA TYR A 71 -7.29 15.89 -8.29
C TYR A 71 -5.84 16.28 -8.15
N ALA A 72 -5.16 15.72 -7.16
CA ALA A 72 -3.76 16.08 -6.91
C ALA A 72 -2.84 15.62 -8.01
N GLN A 73 -3.02 14.37 -8.45
CA GLN A 73 -2.27 13.80 -9.54
C GLN A 73 -2.40 14.64 -10.82
N SER A 74 -3.55 15.27 -11.02
CA SER A 74 -3.70 16.09 -12.20
C SER A 74 -3.21 17.51 -11.94
N GLY A 75 -2.57 17.75 -10.80
CA GLY A 75 -2.06 19.10 -10.48
C GLY A 75 -3.13 20.14 -10.15
N LEU A 76 -4.30 19.70 -9.68
CA LEU A 76 -5.41 20.64 -9.43
C LEU A 76 -5.48 21.18 -7.99
N LEU A 77 -4.63 20.68 -7.11
CA LEU A 77 -4.64 21.04 -5.68
C LEU A 77 -3.31 21.56 -5.15
N ALA A 78 -3.35 22.54 -4.25
CA ALA A 78 -2.15 23.03 -3.61
C ALA A 78 -1.78 22.08 -2.50
N GLU A 79 -0.47 22.02 -2.24
CA GLU A 79 0.02 21.27 -1.11
C GLU A 79 -0.35 22.06 0.12
N ILE A 80 -0.69 21.37 1.19
CA ILE A 80 -0.92 22.11 2.39
C ILE A 80 0.14 21.71 3.42
N THR A 81 0.49 22.67 4.26
CA THR A 81 1.59 22.58 5.22
C THR A 81 1.21 23.21 6.58
N PRO A 82 0.28 22.59 7.30
CA PRO A 82 -0.04 23.07 8.63
C PRO A 82 1.15 22.94 9.56
N ALA A 83 1.27 23.82 10.53
CA ALA A 83 2.31 23.68 11.54
C ALA A 83 2.00 22.45 12.41
N ALA A 84 3.04 21.95 13.07
CA ALA A 84 2.92 20.78 13.93
C ALA A 84 1.83 21.01 14.97
N ALA A 85 1.80 22.22 15.50
CA ALA A 85 0.80 22.58 16.51
C ALA A 85 -0.61 22.43 15.97
N PHE A 86 -0.85 22.86 14.74
CA PHE A 86 -2.18 22.69 14.17
C PHE A 86 -2.54 21.23 13.84
N GLN A 87 -1.58 20.46 13.36
CA GLN A 87 -1.81 19.05 13.06
C GLN A 87 -2.25 18.27 14.27
N ASP A 88 -1.63 18.58 15.40
CA ASP A 88 -1.93 17.89 16.65
C ASP A 88 -3.33 18.23 17.13
N LYS A 89 -4.01 19.20 16.54
CA LYS A 89 -5.41 19.46 16.92
C LYS A 89 -6.43 18.47 16.30
N LEU A 90 -6.01 17.74 15.26
CA LEU A 90 -6.86 16.77 14.56
C LEU A 90 -6.34 15.36 14.77
N TYR A 91 -7.23 14.38 14.69
CA TYR A 91 -6.82 12.99 14.86
C TYR A 91 -5.86 12.60 13.76
N PRO A 92 -4.79 11.88 14.15
CA PRO A 92 -3.81 11.48 13.14
C PRO A 92 -4.38 10.66 11.99
N PHE A 93 -5.34 9.77 12.26
CA PHE A 93 -5.87 8.96 11.16
C PHE A 93 -6.53 9.84 10.08
N THR A 94 -7.05 11.00 10.45
CA THR A 94 -7.69 11.89 9.47
C THR A 94 -6.64 12.51 8.53
N TRP A 95 -5.45 12.80 9.06
CA TRP A 95 -4.33 13.33 8.24
C TRP A 95 -3.89 12.27 7.22
N ASP A 96 -3.86 11.02 7.68
CA ASP A 96 -3.53 9.89 6.81
C ASP A 96 -4.44 9.83 5.60
N ALA A 97 -5.75 10.05 5.79
CA ALA A 97 -6.69 10.02 4.68
C ALA A 97 -6.43 11.08 3.59
N VAL A 98 -5.79 12.17 3.98
CA VAL A 98 -5.56 13.26 3.02
C VAL A 98 -4.07 13.35 2.65
N ARG A 99 -3.28 12.33 3.01
CA ARG A 99 -1.90 12.24 2.55
C ARG A 99 -1.83 11.45 1.25
N TYR A 100 -1.16 12.01 0.26
CA TYR A 100 -1.02 11.40 -1.04
C TYR A 100 0.36 11.62 -1.54
N ASN A 101 1.09 10.52 -1.74
CA ASN A 101 2.47 10.56 -2.20
C ASN A 101 3.32 11.35 -1.25
N GLY A 102 3.21 11.06 0.04
CA GLY A 102 4.01 11.76 1.04
C GLY A 102 3.67 13.23 1.33
N LYS A 103 2.67 13.80 0.63
CA LYS A 103 2.22 15.19 0.84
C LYS A 103 0.76 15.29 1.36
N LEU A 104 0.48 16.27 2.20
CA LEU A 104 -0.89 16.58 2.57
C LEU A 104 -1.54 17.42 1.47
N ILE A 105 -2.71 16.98 1.02
CA ILE A 105 -3.40 17.60 -0.11
C ILE A 105 -4.77 18.21 0.26
N ALA A 106 -5.11 18.22 1.54
CA ALA A 106 -6.40 18.79 2.00
C ALA A 106 -6.47 18.86 3.49
N TYR A 107 -7.43 19.60 4.02
CA TYR A 107 -7.72 19.57 5.45
C TYR A 107 -8.89 18.62 5.77
N PRO A 108 -8.66 17.65 6.70
CA PRO A 108 -9.72 16.77 7.20
C PRO A 108 -10.72 17.51 8.09
N ILE A 109 -12.00 17.31 7.83
CA ILE A 109 -13.08 18.02 8.50
C ILE A 109 -13.85 17.07 9.41
N ALA A 110 -14.36 15.96 8.84
CA ALA A 110 -15.23 15.04 9.60
C ALA A 110 -15.18 13.66 9.06
N VAL A 111 -15.51 12.68 9.91
CA VAL A 111 -15.55 11.30 9.50
C VAL A 111 -16.99 10.84 9.27
N GLU A 112 -17.25 10.39 8.06
CA GLU A 112 -18.56 9.92 7.62
C GLU A 112 -18.59 8.40 7.46
N ALA A 113 -19.53 7.76 8.11
CA ALA A 113 -19.83 6.37 7.82
C ALA A 113 -21.34 6.16 7.82
N LEU A 114 -21.79 5.25 6.96
CA LEU A 114 -23.21 4.85 6.94
C LEU A 114 -23.62 4.08 8.19
N SER A 115 -24.84 4.32 8.67
CA SER A 115 -25.40 3.50 9.77
C SER A 115 -26.80 3.04 9.37
N LEU A 116 -27.33 2.10 10.15
CA LEU A 116 -28.73 1.75 10.08
C LEU A 116 -29.57 2.74 10.89
N ILE A 117 -30.54 3.37 10.24
CA ILE A 117 -31.46 4.30 10.87
C ILE A 117 -32.81 3.64 10.90
N TYR A 118 -33.41 3.60 12.09
CA TYR A 118 -34.65 2.84 12.27
C TYR A 118 -35.73 3.63 13.02
N ASN A 119 -36.98 3.33 12.68
CA ASN A 119 -38.14 3.95 13.30
C ASN A 119 -38.51 3.14 14.55
N LYS A 120 -38.27 3.73 15.72
CA LYS A 120 -38.55 3.07 16.99
C LYS A 120 -40.00 2.64 17.22
N ASP A 121 -40.95 3.38 16.67
CA ASP A 121 -42.36 3.05 16.88
C ASP A 121 -42.81 1.87 16.03
N LEU A 122 -42.28 1.75 14.82
CA LEU A 122 -42.48 0.55 14.00
C LEU A 122 -41.59 -0.63 14.39
N LEU A 123 -40.42 -0.36 14.93
CA LEU A 123 -39.38 -1.36 15.08
C LEU A 123 -38.47 -1.07 16.27
N PRO A 124 -38.96 -1.33 17.50
CA PRO A 124 -38.19 -0.98 18.70
C PRO A 124 -36.89 -1.77 18.82
N ASN A 125 -36.88 -3.01 18.36
CA ASN A 125 -35.61 -3.72 18.20
C ASN A 125 -35.30 -3.95 16.70
N PRO A 126 -34.39 -3.14 16.16
CA PRO A 126 -34.02 -3.38 14.76
C PRO A 126 -33.30 -4.74 14.58
N PRO A 127 -33.40 -5.35 13.39
CA PRO A 127 -32.80 -6.63 13.11
C PRO A 127 -31.28 -6.57 13.20
N LYS A 128 -30.64 -7.67 13.64
CA LYS A 128 -29.17 -7.72 13.70
C LYS A 128 -28.54 -8.25 12.39
N THR A 129 -29.34 -8.85 11.50
CA THR A 129 -28.85 -9.50 10.32
C THR A 129 -29.68 -9.11 9.08
N TRP A 130 -29.04 -9.10 7.92
CA TRP A 130 -29.71 -8.82 6.65
C TRP A 130 -30.69 -9.97 6.35
N GLU A 131 -30.32 -11.19 6.69
CA GLU A 131 -31.16 -12.36 6.44
C GLU A 131 -32.57 -12.26 7.08
N GLU A 132 -32.73 -11.52 8.18
CA GLU A 132 -34.05 -11.31 8.77
C GLU A 132 -34.94 -10.34 8.01
N ILE A 133 -34.38 -9.57 7.09
CA ILE A 133 -35.10 -8.48 6.47
C ILE A 133 -36.29 -8.90 5.61
N PRO A 134 -36.14 -9.94 4.81
CA PRO A 134 -37.30 -10.45 4.05
C PRO A 134 -38.56 -10.74 4.92
N ALA A 135 -38.39 -11.50 5.99
CA ALA A 135 -39.50 -11.84 6.90
C ALA A 135 -40.06 -10.57 7.55
N LEU A 136 -39.17 -9.68 7.99
CA LEU A 136 -39.62 -8.41 8.55
C LEU A 136 -40.43 -7.64 7.54
N ASP A 137 -39.95 -7.60 6.30
CA ASP A 137 -40.66 -6.83 5.29
C ASP A 137 -42.06 -7.38 5.01
N LYS A 138 -42.14 -8.69 4.91
CA LYS A 138 -43.38 -9.36 4.62
C LYS A 138 -44.46 -9.01 5.63
N GLU A 139 -44.06 -9.01 6.91
CA GLU A 139 -44.93 -8.63 8.02
C GLU A 139 -45.40 -7.22 7.87
N LEU A 140 -44.47 -6.32 7.57
CA LEU A 140 -44.78 -4.92 7.47
C LEU A 140 -45.66 -4.61 6.26
N LYS A 141 -45.52 -5.34 5.17
CA LYS A 141 -46.34 -5.09 3.99
C LYS A 141 -47.80 -5.44 4.24
N ALA A 142 -48.04 -6.54 4.96
CA ALA A 142 -49.39 -6.86 5.36
C ALA A 142 -50.11 -5.68 6.06
N LYS A 143 -49.38 -4.87 6.83
CA LYS A 143 -49.89 -3.63 7.47
C LYS A 143 -49.76 -2.38 6.59
N GLY A 144 -49.35 -2.55 5.33
CA GLY A 144 -49.17 -1.43 4.41
C GLY A 144 -47.92 -0.58 4.63
N LYS A 145 -46.90 -1.17 5.28
CA LYS A 145 -45.60 -0.54 5.49
C LYS A 145 -44.54 -1.36 4.78
N SER A 146 -43.28 -1.01 4.97
CA SER A 146 -42.20 -1.84 4.49
C SER A 146 -41.01 -1.82 5.47
N ALA A 147 -40.12 -2.78 5.29
CA ALA A 147 -38.97 -2.97 6.19
C ALA A 147 -37.87 -1.92 5.98
N LEU A 148 -37.45 -1.77 4.72
CA LEU A 148 -36.23 -1.08 4.44
C LEU A 148 -36.25 -0.42 3.07
N MET A 149 -35.80 0.83 3.03
CA MET A 149 -35.62 1.57 1.78
C MET A 149 -34.39 2.44 1.96
N PHE A 150 -33.53 2.39 0.95
CA PHE A 150 -32.35 3.17 0.87
C PHE A 150 -31.91 3.38 -0.58
N ASN A 151 -30.94 4.30 -0.77
CA ASN A 151 -30.58 4.78 -2.11
C ASN A 151 -29.81 3.73 -2.88
N LEU A 152 -30.48 3.11 -3.86
CA LEU A 152 -29.84 2.11 -4.71
C LEU A 152 -29.07 2.71 -5.89
N GLN A 153 -29.23 4.00 -6.18
CA GLN A 153 -28.64 4.59 -7.38
C GLN A 153 -27.19 5.09 -7.15
N GLU A 154 -26.69 5.04 -5.89
CA GLU A 154 -25.29 5.38 -5.56
C GLU A 154 -24.65 4.21 -4.84
N PRO A 155 -23.54 3.69 -5.41
CA PRO A 155 -22.98 2.47 -4.90
C PRO A 155 -22.40 2.58 -3.51
N TYR A 156 -22.15 3.83 -3.08
CA TYR A 156 -21.79 4.08 -1.70
C TYR A 156 -22.71 3.36 -0.69
N PHE A 157 -24.02 3.37 -1.00
CA PHE A 157 -25.07 2.86 -0.08
C PHE A 157 -25.18 1.35 -0.05
N THR A 158 -24.81 0.69 -1.14
CA THR A 158 -24.85 -0.79 -1.20
C THR A 158 -23.54 -1.47 -0.89
N TRP A 159 -22.45 -0.73 -1.03
CA TRP A 159 -21.14 -1.28 -0.79
C TRP A 159 -20.99 -1.98 0.54
N PRO A 160 -21.56 -1.45 1.62
CA PRO A 160 -21.36 -2.14 2.89
C PRO A 160 -21.76 -3.63 2.85
N LEU A 161 -22.85 -3.91 2.14
CA LEU A 161 -23.31 -5.28 1.91
C LEU A 161 -22.42 -6.08 1.00
N ILE A 162 -22.08 -5.47 -0.12
CA ILE A 162 -21.18 -6.11 -1.07
C ILE A 162 -19.86 -6.50 -0.44
N ALA A 163 -19.32 -5.63 0.40
CA ALA A 163 -18.02 -5.85 1.06
C ALA A 163 -18.05 -6.83 2.27
N ALA A 164 -19.22 -7.00 2.88
CA ALA A 164 -19.33 -7.75 4.16
C ALA A 164 -18.72 -9.14 4.12
N ASP A 165 -18.91 -9.87 3.03
CA ASP A 165 -18.39 -11.23 2.93
C ASP A 165 -17.12 -11.34 2.12
N GLY A 166 -16.61 -10.22 1.61
CA GLY A 166 -15.34 -10.26 0.92
C GLY A 166 -15.10 -9.34 -0.27
N GLY A 167 -16.10 -8.59 -0.71
CA GLY A 167 -15.88 -7.62 -1.81
C GLY A 167 -14.85 -6.58 -1.37
N TYR A 168 -13.99 -6.12 -2.29
CA TYR A 168 -13.06 -5.04 -1.96
C TYR A 168 -12.94 -4.07 -3.14
N ALA A 169 -12.00 -3.13 -3.05
CA ALA A 169 -11.80 -2.18 -4.15
C ALA A 169 -10.40 -2.60 -4.67
N PHE A 170 -9.35 -2.08 -4.05
CA PHE A 170 -8.00 -2.37 -4.49
C PHE A 170 -7.20 -2.98 -3.37
N LYS A 171 -6.36 -3.94 -3.72
CA LYS A 171 -5.36 -4.46 -2.79
C LYS A 171 -4.39 -3.38 -2.37
N TYR A 172 -4.01 -3.47 -1.10
CA TYR A 172 -2.99 -2.63 -0.54
C TYR A 172 -1.93 -3.51 0.11
N ALA A 173 -0.69 -3.20 -0.18
CA ALA A 173 0.44 -3.82 0.53
C ALA A 173 1.65 -3.00 0.27
N ALA A 174 2.44 -2.83 1.33
CA ALA A 174 3.76 -2.22 1.23
C ALA A 174 3.69 -0.86 0.52
N GLY A 175 2.83 0.03 1.01
CA GLY A 175 2.76 1.40 0.53
C GLY A 175 2.17 1.61 -0.84
N LYS A 176 1.61 0.57 -1.45
CA LYS A 176 1.21 0.62 -2.85
C LYS A 176 -0.16 -0.05 -2.99
N TYR A 177 -1.06 0.55 -3.74
CA TYR A 177 -2.23 -0.18 -4.20
C TYR A 177 -1.88 -0.94 -5.50
N ASP A 178 -2.37 -2.19 -5.59
CA ASP A 178 -2.33 -2.98 -6.81
C ASP A 178 -3.47 -2.50 -7.70
N ILE A 179 -3.18 -1.74 -8.74
CA ILE A 179 -4.28 -1.23 -9.55
C ILE A 179 -4.76 -2.15 -10.67
N LYS A 180 -4.07 -3.28 -10.85
CA LYS A 180 -4.40 -4.24 -11.91
C LYS A 180 -5.57 -5.11 -11.46
N ASP A 181 -5.85 -5.11 -10.16
CA ASP A 181 -6.71 -6.10 -9.51
C ASP A 181 -7.82 -5.39 -8.71
N VAL A 182 -9.06 -5.59 -9.16
CA VAL A 182 -10.23 -5.06 -8.47
C VAL A 182 -11.01 -6.23 -7.87
N GLY A 183 -11.51 -6.06 -6.64
CA GLY A 183 -12.01 -7.21 -5.85
C GLY A 183 -13.51 -7.33 -5.93
N VAL A 184 -14.08 -6.87 -7.03
CA VAL A 184 -15.50 -6.61 -7.12
C VAL A 184 -16.24 -7.82 -7.73
N ASP A 185 -15.48 -8.81 -8.18
CA ASP A 185 -15.97 -9.97 -8.89
C ASP A 185 -15.78 -11.27 -8.08
N ASN A 186 -15.52 -11.21 -6.79
CA ASN A 186 -15.29 -12.44 -6.03
C ASN A 186 -16.58 -12.99 -5.44
N ALA A 187 -16.46 -14.14 -4.80
CA ALA A 187 -17.57 -14.84 -4.20
C ALA A 187 -18.34 -13.97 -3.16
N GLY A 188 -17.60 -13.21 -2.35
CA GLY A 188 -18.21 -12.39 -1.32
C GLY A 188 -18.99 -11.23 -1.90
N ALA A 189 -18.40 -10.61 -2.93
CA ALA A 189 -19.06 -9.52 -3.65
C ALA A 189 -20.34 -9.96 -4.32
N LYS A 190 -20.27 -11.10 -5.00
CA LYS A 190 -21.42 -11.69 -5.65
C LYS A 190 -22.53 -12.10 -4.66
N ALA A 191 -22.15 -12.71 -3.53
CA ALA A 191 -23.14 -13.12 -2.52
C ALA A 191 -23.96 -11.90 -2.03
N GLY A 192 -23.25 -10.82 -1.70
CA GLY A 192 -23.80 -9.59 -1.23
C GLY A 192 -24.75 -8.96 -2.20
N LEU A 193 -24.31 -8.82 -3.45
CA LEU A 193 -25.13 -8.19 -4.45
C LEU A 193 -26.32 -9.10 -4.78
N THR A 194 -26.07 -10.38 -4.83
CA THR A 194 -27.15 -11.33 -5.04
C THR A 194 -28.23 -11.23 -3.96
N PHE A 195 -27.85 -11.02 -2.70
CA PHE A 195 -28.83 -10.83 -1.65
C PHE A 195 -29.67 -9.61 -1.95
N LEU A 196 -29.02 -8.53 -2.32
CA LEU A 196 -29.72 -7.33 -2.68
C LEU A 196 -30.69 -7.53 -3.85
N VAL A 197 -30.27 -8.22 -4.90
CA VAL A 197 -31.12 -8.40 -6.08
C VAL A 197 -32.30 -9.30 -5.74
N ASP A 198 -32.05 -10.32 -4.92
CA ASP A 198 -33.13 -11.14 -4.37
C ASP A 198 -34.11 -10.36 -3.50
N LEU A 199 -33.67 -9.38 -2.73
CA LEU A 199 -34.63 -8.52 -2.06
C LEU A 199 -35.56 -7.90 -3.09
N ILE A 200 -35.00 -7.42 -4.19
CA ILE A 200 -35.81 -6.78 -5.23
C ILE A 200 -36.73 -7.76 -5.97
N LYS A 201 -36.23 -8.96 -6.28
CA LYS A 201 -37.01 -9.97 -7.00
C LYS A 201 -38.17 -10.46 -6.15
N ASN A 202 -37.98 -10.62 -4.85
CA ASN A 202 -39.09 -11.03 -3.98
C ASN A 202 -39.90 -9.85 -3.46
N LYS A 203 -39.80 -8.73 -4.17
CA LYS A 203 -40.59 -7.53 -3.90
C LYS A 203 -40.39 -6.88 -2.53
N HIS A 204 -39.25 -7.07 -1.89
CA HIS A 204 -38.95 -6.38 -0.63
C HIS A 204 -38.33 -4.98 -0.83
N MET A 205 -37.90 -4.65 -2.06
CA MET A 205 -37.42 -3.32 -2.41
C MET A 205 -37.75 -3.04 -3.85
N ASN A 206 -37.80 -1.76 -4.22
CA ASN A 206 -38.00 -1.32 -5.62
CA ASN A 206 -38.01 -1.32 -5.60
C ASN A 206 -36.68 -0.87 -6.20
N ALA A 207 -36.34 -1.36 -7.40
CA ALA A 207 -35.07 -1.06 -8.08
C ALA A 207 -34.80 0.42 -8.34
N ASP A 208 -35.83 1.25 -8.45
CA ASP A 208 -35.52 2.65 -8.67
C ASP A 208 -35.63 3.52 -7.43
N THR A 209 -35.60 2.91 -6.24
CA THR A 209 -35.48 3.67 -5.00
C THR A 209 -34.20 4.51 -5.04
N ASP A 210 -34.34 5.81 -4.95
CA ASP A 210 -33.20 6.69 -4.85
C ASP A 210 -33.18 7.45 -3.52
N TYR A 211 -32.29 8.43 -3.42
CA TYR A 211 -32.13 9.18 -2.20
C TYR A 211 -33.42 9.79 -1.73
N SER A 212 -34.13 10.46 -2.63
CA SER A 212 -35.28 11.23 -2.22
C SER A 212 -36.50 10.35 -1.86
N ILE A 213 -36.73 9.30 -2.63
CA ILE A 213 -37.81 8.33 -2.34
C ILE A 213 -37.57 7.62 -1.01
N ALA A 214 -36.32 7.23 -0.75
CA ALA A 214 -36.00 6.57 0.50
C ALA A 214 -36.13 7.53 1.65
N GLU A 215 -35.76 8.79 1.45
CA GLU A 215 -35.81 9.83 2.49
C GLU A 215 -37.26 10.21 2.80
N ALA A 216 -38.07 10.43 1.77
CA ALA A 216 -39.51 10.64 1.98
C ALA A 216 -40.18 9.43 2.64
N ALA A 217 -39.84 8.22 2.21
CA ALA A 217 -40.50 7.04 2.78
C ALA A 217 -40.17 6.88 4.29
N PHE A 218 -38.92 7.10 4.69
CA PHE A 218 -38.54 6.98 6.10
C PHE A 218 -39.16 8.10 6.93
N ASN A 219 -39.03 9.34 6.46
CA ASN A 219 -39.42 10.49 7.30
C ASN A 219 -40.91 10.71 7.35
N LYS A 220 -41.64 10.02 6.48
CA LYS A 220 -43.08 10.05 6.52
C LYS A 220 -43.65 8.80 7.20
N GLY A 221 -42.79 7.93 7.72
CA GLY A 221 -43.26 6.81 8.54
C GLY A 221 -43.69 5.58 7.78
N GLU A 222 -43.43 5.54 6.48
CA GLU A 222 -43.87 4.43 5.63
C GLU A 222 -42.96 3.16 5.71
N THR A 223 -41.67 3.36 5.96
CA THR A 223 -40.69 2.26 6.00
C THR A 223 -39.97 2.34 7.32
N ALA A 224 -39.54 1.19 7.83
CA ALA A 224 -39.11 1.09 9.21
C ALA A 224 -37.63 1.39 9.39
N MET A 225 -36.88 1.31 8.31
CA MET A 225 -35.41 1.50 8.31
C MET A 225 -34.95 2.16 7.00
N THR A 226 -33.83 2.89 7.09
CA THR A 226 -33.10 3.38 5.93
C THR A 226 -31.64 3.28 6.24
N ILE A 227 -30.81 3.44 5.21
CA ILE A 227 -29.35 3.47 5.43
C ILE A 227 -28.88 4.82 4.93
N ASN A 228 -28.20 5.57 5.81
CA ASN A 228 -27.73 6.92 5.48
C ASN A 228 -26.64 7.44 6.42
N GLY A 229 -26.14 8.62 6.10
CA GLY A 229 -25.08 9.27 6.86
C GLY A 229 -25.61 10.34 7.81
N PRO A 230 -24.73 10.89 8.65
CA PRO A 230 -25.04 11.92 9.61
C PRO A 230 -25.82 13.11 9.01
N TRP A 231 -25.46 13.50 7.79
CA TRP A 231 -26.11 14.59 7.11
C TRP A 231 -27.61 14.45 7.08
N ALA A 232 -28.12 13.21 6.99
CA ALA A 232 -29.57 13.03 6.90
C ALA A 232 -30.38 13.21 8.23
N TRP A 233 -29.72 13.11 9.39
CA TRP A 233 -30.40 13.16 10.72
C TRP A 233 -31.25 14.41 10.89
N SER A 234 -30.73 15.53 10.42
CA SER A 234 -31.41 16.80 10.49
C SER A 234 -32.86 16.78 9.95
N ASN A 235 -33.08 16.26 8.74
CA ASN A 235 -34.45 16.18 8.22
C ASN A 235 -35.35 15.23 8.97
N ILE A 236 -34.80 14.21 9.60
CA ILE A 236 -35.61 13.30 10.37
C ILE A 236 -36.05 13.98 11.67
N ASP A 237 -35.14 14.76 12.28
CA ASP A 237 -35.44 15.58 13.45
C ASP A 237 -36.68 16.42 13.22
N THR A 238 -36.81 17.09 12.07
CA THR A 238 -37.98 17.92 11.83
C THR A 238 -39.25 17.13 11.40
N SER A 239 -39.09 15.85 11.06
CA SER A 239 -40.21 14.99 10.72
C SER A 239 -40.85 14.51 12.04
N ALA A 240 -41.93 13.73 11.92
CA ALA A 240 -42.64 13.17 13.10
C ALA A 240 -42.07 11.82 13.53
N VAL A 241 -40.98 11.39 12.92
CA VAL A 241 -40.44 10.06 13.18
C VAL A 241 -39.46 10.02 14.34
N ASN A 242 -39.63 8.96 15.11
CA ASN A 242 -38.85 8.71 16.29
C ASN A 242 -37.78 7.70 15.97
N TYR A 243 -36.53 8.13 15.86
CA TYR A 243 -35.52 7.29 15.21
C TYR A 243 -34.34 6.98 16.10
N GLY A 244 -33.69 5.85 15.84
CA GLY A 244 -32.45 5.52 16.47
C GLY A 244 -31.45 5.20 15.36
N VAL A 245 -30.17 5.18 15.72
CA VAL A 245 -29.09 5.00 14.77
C VAL A 245 -28.22 3.92 15.33
N THR A 246 -27.88 2.93 14.52
CA THR A 246 -27.26 1.71 15.04
C THR A 246 -26.33 1.04 14.02
N VAL A 247 -25.68 -0.01 14.49
CA VAL A 247 -24.76 -0.78 13.68
C VAL A 247 -25.55 -1.40 12.53
N LEU A 248 -24.94 -1.45 11.36
CA LEU A 248 -25.56 -2.03 10.21
C LEU A 248 -25.73 -3.51 10.42
N PRO A 249 -26.68 -4.09 9.73
CA PRO A 249 -26.87 -5.52 9.91
C PRO A 249 -25.68 -6.34 9.40
N THR A 250 -25.52 -7.50 10.03
CA THR A 250 -24.52 -8.46 9.68
C THR A 250 -25.00 -9.27 8.43
N PHE A 251 -24.05 -9.82 7.66
CA PHE A 251 -24.37 -10.64 6.50
C PHE A 251 -23.49 -11.87 6.52
N LYS A 252 -24.10 -13.04 6.35
CA LYS A 252 -23.41 -14.32 6.56
C LYS A 252 -22.63 -14.27 7.85
N GLY A 253 -23.23 -13.63 8.85
CA GLY A 253 -22.59 -13.44 10.15
C GLY A 253 -21.40 -12.48 10.18
N GLN A 254 -21.12 -11.74 9.10
CA GLN A 254 -20.01 -10.80 9.06
C GLN A 254 -20.54 -9.39 9.17
N PRO A 255 -19.82 -8.52 9.85
CA PRO A 255 -20.11 -7.07 9.85
C PRO A 255 -20.33 -6.48 8.44
N SER A 256 -21.36 -5.65 8.20
CA SER A 256 -21.34 -4.85 6.96
C SER A 256 -20.11 -3.94 7.06
N LYS A 257 -19.52 -3.61 5.93
CA LYS A 257 -18.26 -2.86 5.90
C LYS A 257 -18.41 -1.64 5.05
N PRO A 258 -18.95 -0.57 5.64
CA PRO A 258 -19.10 0.62 4.82
C PRO A 258 -17.73 1.19 4.43
N PHE A 259 -17.66 1.83 3.27
CA PHE A 259 -16.45 2.52 2.90
C PHE A 259 -16.52 3.87 3.61
N VAL A 260 -15.53 4.17 4.46
CA VAL A 260 -15.53 5.35 5.34
C VAL A 260 -14.85 6.56 4.65
N GLY A 261 -15.55 7.68 4.55
CA GLY A 261 -15.03 8.91 3.96
C GLY A 261 -14.61 9.94 5.01
N VAL A 262 -13.49 10.64 4.80
CA VAL A 262 -13.14 11.82 5.56
C VAL A 262 -13.55 13.02 4.68
N LEU A 263 -14.61 13.72 5.09
CA LEU A 263 -14.98 14.96 4.42
C LEU A 263 -13.78 15.90 4.59
N SER A 264 -13.33 16.43 3.46
CA SER A 264 -12.05 17.15 3.42
C SER A 264 -12.16 18.41 2.58
N ALA A 265 -11.34 19.41 2.90
CA ALA A 265 -11.32 20.63 2.11
C ALA A 265 -9.96 20.84 1.45
N GLY A 266 -9.96 21.03 0.13
CA GLY A 266 -8.73 21.19 -0.60
C GLY A 266 -8.75 22.54 -1.24
N ILE A 267 -7.56 23.03 -1.53
CA ILE A 267 -7.39 24.39 -2.11
C ILE A 267 -7.01 24.28 -3.59
N ASN A 268 -7.80 24.90 -4.46
CA ASN A 268 -7.57 24.88 -5.93
C ASN A 268 -6.16 25.37 -6.21
N ALA A 269 -5.34 24.59 -6.94
CA ALA A 269 -3.99 25.01 -7.25
C ALA A 269 -4.01 26.28 -8.08
N ALA A 270 -5.13 26.57 -8.74
CA ALA A 270 -5.16 27.79 -9.55
C ALA A 270 -5.69 28.99 -8.75
N SER A 271 -5.99 28.80 -7.46
CA SER A 271 -6.48 29.93 -6.66
C SER A 271 -5.40 30.97 -6.37
N PRO A 272 -5.70 32.26 -6.59
CA PRO A 272 -4.87 33.34 -6.10
C PRO A 272 -5.06 33.66 -4.64
N ASN A 273 -5.90 32.89 -3.94
CA ASN A 273 -6.31 33.18 -2.57
C ASN A 273 -5.89 32.11 -1.61
N LYS A 274 -4.76 31.48 -1.87
CA LYS A 274 -4.38 30.35 -1.06
C LYS A 274 -4.15 30.69 0.41
N GLU A 275 -3.56 31.86 0.68
CA GLU A 275 -3.29 32.28 2.07
C GLU A 275 -4.61 32.57 2.79
N LEU A 276 -5.53 33.29 2.15
CA LEU A 276 -6.84 33.50 2.74
C LEU A 276 -7.61 32.20 3.00
N ALA A 277 -7.51 31.24 2.07
CA ALA A 277 -8.16 29.96 2.21
C ALA A 277 -7.61 29.20 3.42
N LYS A 278 -6.30 29.24 3.61
CA LYS A 278 -5.64 28.63 4.75
C LYS A 278 -6.12 29.24 6.07
N GLU A 279 -6.16 30.58 6.11
CA GLU A 279 -6.70 31.29 7.26
C GLU A 279 -8.15 30.92 7.58
N PHE A 280 -8.99 30.91 6.54
CA PHE A 280 -10.39 30.56 6.70
C PHE A 280 -10.54 29.14 7.24
N LEU A 281 -9.80 28.21 6.66
CA LEU A 281 -9.97 26.81 7.06
C LEU A 281 -9.43 26.55 8.46
N GLU A 282 -8.25 27.06 8.77
CA GLU A 282 -7.56 26.78 10.03
C GLU A 282 -8.13 27.56 11.22
N ASN A 283 -8.59 28.79 10.98
CA ASN A 283 -8.98 29.65 12.10
C ASN A 283 -10.47 29.92 12.18
N TYR A 284 -11.25 29.56 11.17
CA TYR A 284 -12.69 29.79 11.23
C TYR A 284 -13.45 28.46 11.17
N LEU A 285 -13.19 27.64 10.14
CA LEU A 285 -13.92 26.40 9.98
C LEU A 285 -13.51 25.37 11.01
N LEU A 286 -12.21 25.12 11.15
CA LEU A 286 -11.74 24.04 12.01
C LEU A 286 -11.57 24.51 13.46
N THR A 287 -12.66 25.04 14.00
CA THR A 287 -12.76 25.45 15.40
C THR A 287 -14.06 24.93 15.95
N ASP A 288 -14.16 24.88 17.28
CA ASP A 288 -15.38 24.36 17.89
C ASP A 288 -16.59 25.15 17.37
N GLU A 289 -16.46 26.46 17.25
CA GLU A 289 -17.62 27.26 16.90
C GLU A 289 -17.92 27.18 15.39
N GLY A 290 -16.90 27.01 14.57
CA GLY A 290 -17.10 26.87 13.11
C GLY A 290 -17.78 25.53 12.80
N LEU A 291 -17.25 24.46 13.37
CA LEU A 291 -17.81 23.15 13.18
C LEU A 291 -19.23 23.08 13.75
N GLU A 292 -19.45 23.70 14.92
CA GLU A 292 -20.81 23.75 15.51
C GLU A 292 -21.83 24.38 14.55
N ALA A 293 -21.44 25.48 13.90
CA ALA A 293 -22.37 26.16 13.01
C ALA A 293 -22.72 25.27 11.80
N VAL A 294 -21.75 24.49 11.33
CA VAL A 294 -22.01 23.59 10.19
C VAL A 294 -22.87 22.42 10.66
N ASN A 295 -22.43 21.83 11.76
CA ASN A 295 -23.10 20.71 12.38
C ASN A 295 -24.57 21.00 12.71
N LYS A 296 -24.86 22.21 13.20
CA LYS A 296 -26.24 22.65 13.49
C LYS A 296 -27.11 22.63 12.23
N ASP A 297 -26.49 22.82 11.07
CA ASP A 297 -27.23 22.86 9.82
C ASP A 297 -27.52 21.42 9.38
N LYS A 298 -26.45 20.63 9.19
CA LYS A 298 -26.51 19.17 8.95
C LYS A 298 -25.35 18.49 9.67
N PRO A 299 -25.62 17.41 10.43
CA PRO A 299 -24.53 16.81 11.16
C PRO A 299 -23.37 16.39 10.27
N LEU A 300 -22.17 16.69 10.75
CA LEU A 300 -20.95 16.35 10.07
C LEU A 300 -20.55 14.92 10.31
N GLY A 301 -21.03 14.32 11.39
CA GLY A 301 -20.43 13.04 11.80
C GLY A 301 -19.49 13.23 12.95
N ALA A 302 -18.46 12.38 13.03
CA ALA A 302 -17.42 12.50 14.02
C ALA A 302 -16.43 13.48 13.45
N VAL A 303 -16.21 14.60 14.11
CA VAL A 303 -15.32 15.60 13.54
C VAL A 303 -13.85 15.27 13.77
N ALA A 304 -12.99 15.78 12.88
CA ALA A 304 -11.54 15.56 12.97
C ALA A 304 -10.90 16.32 14.11
N LEU A 305 -11.56 17.43 14.48
CA LEU A 305 -11.06 18.27 15.53
C LEU A 305 -11.35 17.69 16.92
N LYS A 306 -10.28 17.37 17.64
CA LYS A 306 -10.41 16.67 18.91
C LYS A 306 -11.25 17.40 19.95
N SER A 307 -10.99 18.69 20.14
CA SER A 307 -11.69 19.48 21.14
C SER A 307 -13.22 19.42 20.96
N TYR A 308 -13.69 19.47 19.70
CA TYR A 308 -15.13 19.44 19.43
C TYR A 308 -15.70 18.03 19.45
N GLU A 309 -14.90 17.06 19.01
CA GLU A 309 -15.33 15.67 19.00
C GLU A 309 -15.63 15.13 20.41
N GLU A 310 -14.89 15.61 21.39
CA GLU A 310 -15.13 15.27 22.79
C GLU A 310 -16.54 15.64 23.27
N GLU A 311 -17.10 16.72 22.74
CA GLU A 311 -18.48 17.11 23.03
C GLU A 311 -19.49 16.25 22.23
N LEU A 312 -19.20 16.03 20.95
CA LEU A 312 -20.04 15.19 20.09
C LEU A 312 -20.11 13.71 20.47
N ALA A 313 -19.07 13.20 21.15
CA ALA A 313 -18.97 11.76 21.53
C ALA A 313 -20.05 11.32 22.51
N LYS A 314 -20.73 12.25 23.16
CA LYS A 314 -21.89 11.92 24.01
C LYS A 314 -23.14 11.51 23.23
N ASP A 315 -23.20 11.87 21.95
CA ASP A 315 -24.34 11.59 21.08
C ASP A 315 -24.30 10.12 20.68
N PRO A 316 -25.32 9.31 21.00
CA PRO A 316 -25.27 7.88 20.61
C PRO A 316 -25.28 7.64 19.08
N ARG A 317 -25.73 8.63 18.32
CA ARG A 317 -25.71 8.57 16.87
C ARG A 317 -24.28 8.60 16.35
N ILE A 318 -23.42 9.34 17.05
CA ILE A 318 -22.02 9.46 16.70
C ILE A 318 -21.28 8.19 17.12
N ALA A 319 -21.60 7.66 18.29
CA ALA A 319 -21.03 6.39 18.72
C ALA A 319 -21.39 5.30 17.70
N ALA A 320 -22.63 5.28 17.22
CA ALA A 320 -22.99 4.29 16.21
C ALA A 320 -22.23 4.54 14.89
N THR A 321 -22.13 5.80 14.46
CA THR A 321 -21.35 6.14 13.30
C THR A 321 -19.92 5.58 13.40
N MET A 322 -19.33 5.69 14.59
CA MET A 322 -17.94 5.25 14.81
C MET A 322 -17.85 3.75 14.87
N GLU A 323 -18.87 3.12 15.44
CA GLU A 323 -18.94 1.65 15.44
C GLU A 323 -18.88 1.10 14.01
N ASN A 324 -19.75 1.66 13.16
CA ASN A 324 -19.78 1.26 11.76
C ASN A 324 -18.50 1.61 11.02
N ALA A 325 -17.94 2.79 11.31
CA ALA A 325 -16.65 3.20 10.70
C ALA A 325 -15.54 2.20 11.01
N GLN A 326 -15.49 1.75 12.24
CA GLN A 326 -14.45 0.84 12.70
C GLN A 326 -14.64 -0.55 12.07
N LYS A 327 -15.88 -0.94 11.80
CA LYS A 327 -16.14 -2.20 11.12
C LYS A 327 -15.84 -2.08 9.62
N GLY A 328 -15.95 -0.86 9.08
CA GLY A 328 -15.67 -0.65 7.67
C GLY A 328 -14.22 -0.35 7.37
N GLU A 329 -14.03 0.33 6.25
CA GLU A 329 -12.69 0.64 5.84
C GLU A 329 -12.58 2.06 5.28
N ILE A 330 -11.49 2.72 5.62
CA ILE A 330 -11.18 4.05 5.05
C ILE A 330 -10.98 3.89 3.57
N MET A 331 -11.67 4.67 2.77
CA MET A 331 -11.48 4.56 1.32
C MET A 331 -10.07 4.85 0.90
N PRO A 332 -9.62 4.21 -0.18
CA PRO A 332 -8.40 4.72 -0.81
C PRO A 332 -8.63 6.10 -1.37
N ASN A 333 -7.55 6.85 -1.54
CA ASN A 333 -7.64 8.16 -2.20
C ASN A 333 -6.97 8.26 -3.55
N ILE A 334 -6.47 7.12 -4.06
CA ILE A 334 -5.78 7.07 -5.37
C ILE A 334 -6.69 7.52 -6.52
N PRO A 335 -6.10 8.05 -7.64
CA PRO A 335 -6.90 8.53 -8.78
C PRO A 335 -7.86 7.51 -9.37
N GLN A 336 -7.54 6.23 -9.24
CA GLN A 336 -8.36 5.17 -9.82
C GLN A 336 -9.73 4.99 -9.16
N MET A 337 -9.92 5.56 -7.97
CA MET A 337 -11.11 5.34 -7.19
C MET A 337 -12.37 5.75 -7.99
N SER A 338 -12.19 6.82 -8.75
CA SER A 338 -13.19 7.37 -9.62
C SER A 338 -13.73 6.32 -10.61
N ALA A 339 -12.82 5.49 -11.13
CA ALA A 339 -13.14 4.42 -12.07
C ALA A 339 -13.78 3.26 -11.34
N PHE A 340 -13.23 2.88 -10.18
CA PHE A 340 -13.88 1.88 -9.30
C PHE A 340 -15.37 2.23 -9.10
N TRP A 341 -15.66 3.47 -8.68
CA TRP A 341 -17.05 3.88 -8.39
C TRP A 341 -17.95 3.89 -9.60
N TYR A 342 -17.47 4.43 -10.71
CA TYR A 342 -18.29 4.44 -11.89
C TYR A 342 -18.72 3.00 -12.25
N ALA A 343 -17.77 2.08 -12.16
CA ALA A 343 -17.98 0.72 -12.53
C ALA A 343 -18.91 0.02 -11.53
N VAL A 344 -18.78 0.32 -10.24
CA VAL A 344 -19.69 -0.30 -9.27
C VAL A 344 -21.10 0.33 -9.39
N ARG A 345 -21.19 1.64 -9.60
CA ARG A 345 -22.47 2.29 -9.84
C ARG A 345 -23.27 1.56 -10.93
N THR A 346 -22.65 1.34 -12.08
CA THR A 346 -23.29 0.70 -13.21
C THR A 346 -23.70 -0.74 -12.89
N ALA A 347 -22.79 -1.51 -12.30
CA ALA A 347 -23.10 -2.92 -11.93
C ALA A 347 -24.34 -3.04 -11.02
N VAL A 348 -24.42 -2.20 -9.99
CA VAL A 348 -25.51 -2.22 -9.07
C VAL A 348 -26.83 -1.87 -9.78
N ILE A 349 -26.82 -0.77 -10.49
CA ILE A 349 -27.99 -0.32 -11.22
C ILE A 349 -28.47 -1.38 -12.22
N ASN A 350 -27.53 -1.99 -12.95
CA ASN A 350 -27.87 -2.99 -13.93
C ASN A 350 -28.42 -4.26 -13.32
N ALA A 351 -27.78 -4.73 -12.24
CA ALA A 351 -28.28 -5.91 -11.55
C ALA A 351 -29.61 -5.65 -10.85
N ALA A 352 -29.79 -4.46 -10.29
CA ALA A 352 -31.01 -4.15 -9.54
C ALA A 352 -32.21 -4.05 -10.44
N SER A 353 -31.98 -3.46 -11.63
CA SER A 353 -33.04 -3.25 -12.63
C SER A 353 -33.27 -4.46 -13.52
N GLY A 354 -32.38 -5.44 -13.43
CA GLY A 354 -32.53 -6.69 -14.18
C GLY A 354 -31.96 -6.63 -15.59
N ARG A 355 -31.31 -5.52 -15.94
CA ARG A 355 -30.64 -5.39 -17.24
C ARG A 355 -29.47 -6.35 -17.38
N GLN A 356 -28.81 -6.71 -16.29
CA GLN A 356 -27.78 -7.75 -16.30
CA GLN A 356 -27.78 -7.73 -16.29
C GLN A 356 -27.95 -8.63 -15.08
N THR A 357 -27.44 -9.86 -15.19
CA THR A 357 -27.40 -10.77 -14.06
C THR A 357 -26.32 -10.22 -13.13
N VAL A 358 -26.39 -10.62 -11.85
CA VAL A 358 -25.36 -10.31 -10.86
C VAL A 358 -23.98 -10.69 -11.37
N ASP A 359 -23.85 -11.91 -11.85
CA ASP A 359 -22.54 -12.43 -12.33
C ASP A 359 -22.01 -11.65 -13.55
N ALA A 360 -22.87 -11.32 -14.53
CA ALA A 360 -22.39 -10.51 -15.69
C ALA A 360 -22.16 -9.04 -15.31
N ALA A 361 -22.94 -8.51 -14.39
CA ALA A 361 -22.81 -7.11 -13.98
C ALA A 361 -21.47 -6.91 -13.27
N LEU A 362 -21.16 -7.80 -12.35
CA LEU A 362 -19.95 -7.71 -11.59
C LEU A 362 -18.73 -8.09 -12.40
N ALA A 363 -18.83 -9.13 -13.24
CA ALA A 363 -17.73 -9.48 -14.18
C ALA A 363 -17.33 -8.27 -15.02
N ALA A 364 -18.33 -7.55 -15.52
CA ALA A 364 -18.12 -6.40 -16.36
C ALA A 364 -17.57 -5.22 -15.57
N ALA A 365 -17.96 -5.10 -14.30
CA ALA A 365 -17.44 -4.03 -13.47
C ALA A 365 -15.97 -4.27 -13.21
N GLN A 366 -15.62 -5.51 -12.90
CA GLN A 366 -14.22 -5.90 -12.70
C GLN A 366 -13.37 -5.57 -13.92
N THR A 367 -13.85 -5.96 -15.09
CA THR A 367 -13.12 -5.74 -16.32
C THR A 367 -12.91 -4.26 -16.62
N ASN A 368 -13.98 -3.48 -16.53
CA ASN A 368 -13.93 -2.08 -16.87
C ASN A 368 -13.13 -1.27 -15.84
N ALA A 369 -13.27 -1.61 -14.55
CA ALA A 369 -12.52 -0.91 -13.53
C ALA A 369 -11.04 -1.20 -13.70
N ALA A 370 -10.67 -2.47 -13.84
CA ALA A 370 -9.26 -2.84 -14.04
C ALA A 370 -8.67 -2.15 -15.25
N ALA A 371 -9.39 -2.14 -16.37
CA ALA A 371 -8.88 -1.51 -17.60
C ALA A 371 -8.62 -0.04 -17.48
N ASN A 372 -9.62 0.69 -17.02
CA ASN A 372 -9.43 2.11 -16.77
C ASN A 372 -8.38 2.42 -15.71
N SER A 373 -8.31 1.61 -14.65
CA SER A 373 -7.30 1.84 -13.61
C SER A 373 -5.87 1.71 -14.18
N VAL A 374 -5.59 0.63 -14.89
CA VAL A 374 -4.29 0.44 -15.51
C VAL A 374 -4.07 1.48 -16.57
N GLY A 375 -5.12 1.82 -17.30
CA GLY A 375 -5.08 2.87 -18.30
C GLY A 375 -4.67 4.24 -17.76
N GLU A 376 -5.10 4.55 -16.55
CA GLU A 376 -4.76 5.80 -15.91
C GLU A 376 -3.31 5.79 -15.48
N ALA A 377 -2.80 4.66 -15.00
CA ALA A 377 -1.36 4.56 -14.76
C ALA A 377 -0.57 4.75 -16.07
N CYS A 378 -0.92 4.02 -17.14
CA CYS A 378 -0.19 4.17 -18.43
C CYS A 378 -0.22 5.60 -18.94
N THR A 379 -1.34 6.27 -18.75
CA THR A 379 -1.48 7.68 -19.09
C THR A 379 -0.55 8.59 -18.26
N ASP A 380 -0.36 8.27 -16.98
CA ASP A 380 0.60 9.00 -16.16
C ASP A 380 2.06 8.79 -16.61
N MET A 381 2.40 7.57 -16.99
CA MET A 381 3.69 7.28 -17.57
C MET A 381 3.91 8.06 -18.87
N LYS A 382 2.84 8.19 -19.66
CA LYS A 382 2.87 8.93 -20.91
C LYS A 382 3.13 10.41 -20.68
N ARG A 383 2.45 10.96 -19.70
CA ARG A 383 2.52 12.38 -19.42
C ARG A 383 3.95 12.75 -18.96
N GLU A 384 4.58 11.82 -18.24
CA GLU A 384 5.95 11.98 -17.78
C GLU A 384 6.95 11.90 -18.94
N TYR A 385 6.71 11.00 -19.90
CA TYR A 385 7.47 10.96 -21.12
C TYR A 385 7.35 12.30 -21.85
N ASP A 386 6.10 12.76 -21.98
CA ASP A 386 5.80 13.97 -22.75
C ASP A 386 6.46 15.20 -22.14
N GLN A 387 6.42 15.31 -20.82
CA GLN A 387 7.02 16.44 -20.15
C GLN A 387 8.52 16.46 -20.42
N CYS A 388 9.14 15.29 -20.36
CA CYS A 388 10.57 15.15 -20.64
C CYS A 388 10.88 15.48 -22.09
N PHE A 389 10.06 14.94 -23.00
CA PHE A 389 10.26 15.17 -24.43
C PHE A 389 9.99 16.60 -24.89
N ASN A 390 8.89 17.17 -24.40
CA ASN A 390 8.51 18.53 -24.78
C ASN A 390 9.55 19.52 -24.30
N ARG A 391 10.01 19.31 -23.08
CA ARG A 391 11.13 20.07 -22.52
C ARG A 391 12.40 19.92 -23.37
N TRP A 392 12.80 18.67 -23.64
CA TRP A 392 14.03 18.42 -24.41
C TRP A 392 13.93 18.97 -25.83
N PHE A 393 12.76 18.84 -26.44
CA PHE A 393 12.60 19.22 -27.85
C PHE A 393 12.65 20.73 -28.04
N ALA A 394 11.97 21.47 -27.15
CA ALA A 394 11.94 22.93 -27.20
C ALA A 394 13.25 23.58 -26.75
N GLU A 395 13.79 23.12 -25.62
CA GLU A 395 14.99 23.76 -25.01
C GLU A 395 16.30 23.18 -25.57
N LYS A 396 16.29 21.96 -26.08
CA LYS A 396 17.53 21.38 -26.65
C LYS A 396 17.53 21.21 -28.17
N PHE A 397 16.59 20.42 -28.68
CA PHE A 397 16.63 20.05 -30.10
C PHE A 397 16.43 21.28 -31.00
N LEU A 398 15.38 22.02 -30.74
CA LEU A 398 15.01 23.19 -31.53
C LEU A 398 15.94 24.36 -31.34
N LYS A 399 16.87 24.23 -30.39
CA LYS A 399 17.93 25.22 -30.17
C LYS A 399 19.26 24.71 -30.68
N GLY A 400 19.23 23.65 -31.47
CA GLY A 400 20.44 23.11 -32.08
C GLY A 400 21.48 22.61 -31.09
N ASP A 401 21.04 22.16 -29.92
CA ASP A 401 21.95 21.69 -28.88
C ASP A 401 21.57 20.26 -28.47
N SER A 402 21.21 19.44 -29.44
CA SER A 402 20.90 18.03 -29.21
C SER A 402 22.12 17.14 -29.47
N SER A 403 22.32 16.13 -28.61
CA SER A 403 23.23 15.03 -28.91
C SER A 403 22.61 13.68 -28.50
N GLY A 404 21.29 13.58 -28.55
CA GLY A 404 20.59 12.36 -28.23
C GLY A 404 19.32 12.66 -27.51
N ASP A 405 18.40 11.71 -27.60
CA ASP A 405 17.12 11.79 -26.96
C ASP A 405 17.25 11.15 -25.58
N PRO A 406 17.20 11.99 -24.54
CA PRO A 406 17.27 11.57 -23.15
C PRO A 406 16.05 10.78 -22.66
N CYS A 407 14.92 10.98 -23.33
CA CYS A 407 13.64 10.49 -22.84
C CYS A 407 13.20 9.17 -23.47
N THR A 408 14.16 8.32 -23.82
CA THR A 408 13.83 7.00 -24.33
C THR A 408 13.40 5.98 -23.26
N ASP A 409 14.06 5.95 -22.12
CA ASP A 409 13.66 5.00 -21.05
C ASP A 409 12.28 5.32 -20.48
N LEU A 410 11.92 6.59 -20.41
CA LEU A 410 10.58 6.99 -20.03
C LEU A 410 9.53 6.48 -21.03
N PHE A 411 9.86 6.53 -22.31
CA PHE A 411 8.95 5.99 -23.30
C PHE A 411 8.79 4.48 -23.14
N LYS A 412 9.88 3.75 -22.93
CA LYS A 412 9.85 2.30 -22.90
C LYS A 412 9.08 1.76 -21.70
N ARG A 413 9.14 2.50 -20.59
CA ARG A 413 8.38 2.18 -19.39
C ARG A 413 6.90 2.28 -19.73
N TYR A 414 6.55 3.38 -20.39
CA TYR A 414 5.21 3.61 -20.89
C TYR A 414 4.75 2.55 -21.88
N GLN A 415 5.63 2.18 -22.80
CA GLN A 415 5.35 1.21 -23.83
C GLN A 415 5.05 -0.14 -23.17
N GLN A 416 5.89 -0.52 -22.21
CA GLN A 416 5.71 -1.75 -21.46
C GLN A 416 4.36 -1.77 -20.73
N CYS A 417 3.99 -0.67 -20.06
CA CYS A 417 2.67 -0.54 -19.41
C CYS A 417 1.53 -0.83 -20.38
N VAL A 418 1.58 -0.24 -21.56
CA VAL A 418 0.53 -0.41 -22.57
C VAL A 418 0.50 -1.87 -23.03
N GLN A 419 1.67 -2.39 -23.43
CA GLN A 419 1.80 -3.76 -23.98
C GLN A 419 1.46 -4.84 -22.96
N LYS A 420 1.73 -4.56 -21.67
CA LYS A 420 1.30 -5.45 -20.61
C LYS A 420 -0.22 -5.39 -20.49
N ALA A 421 -0.79 -4.17 -20.37
CA ALA A 421 -2.27 -4.00 -20.30
C ALA A 421 -3.05 -4.82 -21.38
N ILE A 422 -2.51 -4.90 -22.59
CA ILE A 422 -3.17 -5.67 -23.67
C ILE A 422 -3.25 -7.21 -23.43
N LYS B 2 19.99 14.71 -12.92
CA LYS B 2 21.02 13.99 -12.11
C LYS B 2 20.88 14.41 -10.65
N ILE B 3 21.47 13.62 -9.76
CA ILE B 3 21.32 13.78 -8.31
C ILE B 3 21.65 15.21 -7.86
N GLU B 4 20.84 15.80 -6.99
CA GLU B 4 21.07 17.18 -6.50
C GLU B 4 22.06 17.23 -5.35
N GLU B 5 23.01 18.15 -5.44
CA GLU B 5 23.90 18.42 -4.32
C GLU B 5 23.21 19.28 -3.22
N GLY B 6 23.48 18.95 -1.95
CA GLY B 6 23.00 19.71 -0.79
C GLY B 6 21.64 19.27 -0.27
N LYS B 7 21.30 18.02 -0.55
CA LYS B 7 19.96 17.51 -0.36
C LYS B 7 20.15 15.99 -0.25
N LEU B 8 19.32 15.28 0.50
CA LEU B 8 19.40 13.81 0.49
C LEU B 8 18.07 13.22 0.01
N VAL B 9 18.15 12.29 -0.92
CA VAL B 9 17.00 11.52 -1.35
C VAL B 9 17.26 10.08 -0.92
N ILE B 10 16.26 9.47 -0.29
CA ILE B 10 16.38 8.12 0.26
C ILE B 10 15.28 7.26 -0.35
N TRP B 11 15.64 6.06 -0.81
CA TRP B 11 14.68 5.04 -1.26
C TRP B 11 14.67 3.91 -0.26
N ILE B 12 13.47 3.45 0.10
CA ILE B 12 13.33 2.30 0.98
C ILE B 12 12.01 1.59 0.66
N ASN B 13 11.95 0.28 0.89
CA ASN B 13 10.79 -0.46 0.42
C ASN B 13 9.54 -0.03 1.19
N GLY B 14 8.39 -0.03 0.51
CA GLY B 14 7.14 0.38 1.10
C GLY B 14 6.62 -0.51 2.22
N ASP B 15 7.25 -1.66 2.48
CA ASP B 15 6.82 -2.45 3.63
C ASP B 15 7.55 -2.05 4.92
N LYS B 16 8.50 -1.12 4.84
CA LYS B 16 9.21 -0.67 6.03
C LYS B 16 8.64 0.65 6.58
N GLY B 17 9.13 1.04 7.73
CA GLY B 17 8.61 2.24 8.38
C GLY B 17 9.12 3.52 7.75
N TYR B 18 8.72 3.77 6.52
CA TYR B 18 9.23 4.91 5.78
C TYR B 18 8.76 6.26 6.32
N ASN B 19 7.59 6.33 6.93
CA ASN B 19 7.15 7.57 7.59
C ASN B 19 7.97 7.87 8.83
N GLY B 20 8.37 6.84 9.56
CA GLY B 20 9.25 7.01 10.70
C GLY B 20 10.63 7.49 10.26
N LEU B 21 11.13 6.92 9.16
CA LEU B 21 12.40 7.36 8.59
C LEU B 21 12.30 8.82 8.16
N ALA B 22 11.16 9.20 7.59
CA ALA B 22 10.92 10.60 7.18
C ALA B 22 10.95 11.58 8.38
N GLU B 23 10.60 11.09 9.57
CA GLU B 23 10.67 11.92 10.76
C GLU B 23 12.14 12.12 11.16
N VAL B 24 12.96 11.07 11.06
CA VAL B 24 14.39 11.21 11.25
C VAL B 24 14.94 12.27 10.26
N GLY B 25 14.47 12.22 9.02
CA GLY B 25 14.86 13.16 7.99
C GLY B 25 14.49 14.57 8.32
N LYS B 26 13.29 14.74 8.85
CA LYS B 26 12.84 16.06 9.30
C LYS B 26 13.70 16.63 10.45
N LYS B 27 14.09 15.78 11.40
CA LYS B 27 14.99 16.18 12.45
C LYS B 27 16.35 16.66 11.86
N PHE B 28 16.91 15.88 10.94
CA PHE B 28 18.13 16.26 10.26
C PHE B 28 17.98 17.62 9.59
N GLU B 29 16.86 17.83 8.89
CA GLU B 29 16.60 19.11 8.26
C GLU B 29 16.52 20.28 9.24
N LYS B 30 15.90 20.04 10.37
CA LYS B 30 15.74 21.07 11.39
C LYS B 30 17.08 21.47 11.98
N ASP B 31 17.95 20.49 12.20
CA ASP B 31 19.30 20.73 12.74
C ASP B 31 20.26 21.40 11.76
N THR B 32 20.10 21.12 10.47
CA THR B 32 21.09 21.44 9.47
C THR B 32 20.60 22.24 8.25
N GLY B 33 19.28 22.38 8.08
CA GLY B 33 18.72 22.99 6.89
C GLY B 33 18.88 22.15 5.63
N ILE B 34 19.31 20.90 5.76
CA ILE B 34 19.52 20.03 4.59
C ILE B 34 18.27 19.21 4.37
N LYS B 35 17.63 19.41 3.23
CA LYS B 35 16.40 18.67 2.95
C LYS B 35 16.62 17.14 2.79
N VAL B 36 15.71 16.37 3.35
CA VAL B 36 15.72 14.92 3.24
C VAL B 36 14.36 14.47 2.74
N THR B 37 14.32 13.75 1.64
CA THR B 37 13.08 13.28 1.07
C THR B 37 13.14 11.77 1.08
N VAL B 38 12.11 11.13 1.62
CA VAL B 38 12.02 9.68 1.62
C VAL B 38 10.99 9.19 0.60
N GLU B 39 11.40 8.29 -0.29
CA GLU B 39 10.52 7.70 -1.28
C GLU B 39 10.49 6.20 -1.17
N HIS B 40 9.41 5.57 -1.61
CA HIS B 40 9.33 4.09 -1.60
C HIS B 40 8.84 3.60 -2.94
N PRO B 41 9.69 3.68 -3.97
CA PRO B 41 9.21 3.29 -5.31
C PRO B 41 8.95 1.81 -5.35
N ASP B 42 8.00 1.38 -6.17
CA ASP B 42 7.78 -0.06 -6.33
C ASP B 42 8.96 -0.69 -7.08
N LYS B 43 9.30 -1.90 -6.71
CA LYS B 43 10.43 -2.62 -7.29
C LYS B 43 11.72 -1.83 -7.24
N LEU B 44 11.96 -1.15 -6.13
CA LEU B 44 13.11 -0.27 -6.10
C LEU B 44 14.43 -1.03 -6.23
N GLU B 45 14.45 -2.31 -5.86
CA GLU B 45 15.65 -3.12 -5.95
C GLU B 45 16.11 -3.42 -7.40
N GLU B 46 15.14 -3.38 -8.33
CA GLU B 46 15.43 -3.41 -9.76
C GLU B 46 15.65 -2.01 -10.35
N LYS B 47 14.89 -1.01 -9.89
CA LYS B 47 15.06 0.35 -10.44
C LYS B 47 16.40 0.95 -10.03
N PHE B 48 16.90 0.63 -8.83
CA PHE B 48 18.12 1.28 -8.36
C PHE B 48 19.33 1.08 -9.29
N PRO B 49 19.68 -0.17 -9.61
CA PRO B 49 20.82 -0.33 -10.52
C PRO B 49 20.60 0.32 -11.91
N GLN B 50 19.38 0.38 -12.40
CA GLN B 50 19.13 1.01 -13.69
C GLN B 50 19.41 2.50 -13.65
N VAL B 51 18.85 3.22 -12.68
CA VAL B 51 19.07 4.67 -12.59
C VAL B 51 20.49 5.04 -12.14
N ALA B 52 21.00 4.35 -11.12
CA ALA B 52 22.36 4.59 -10.62
C ALA B 52 23.42 4.47 -11.70
N ALA B 53 23.24 3.51 -12.60
CA ALA B 53 24.21 3.28 -13.71
C ALA B 53 24.35 4.53 -14.56
N THR B 54 23.30 5.36 -14.61
CA THR B 54 23.37 6.67 -15.27
C THR B 54 23.80 7.81 -14.34
N GLY B 55 24.18 7.50 -13.11
CA GLY B 55 24.53 8.52 -12.13
C GLY B 55 23.33 9.28 -11.61
N ASP B 56 22.14 8.71 -11.77
CA ASP B 56 20.95 9.22 -11.11
C ASP B 56 20.62 8.35 -9.90
N GLY B 57 19.43 8.60 -9.34
CA GLY B 57 18.84 7.76 -8.32
C GLY B 57 18.91 8.40 -6.95
N PRO B 58 18.66 7.62 -5.91
CA PRO B 58 18.72 8.22 -4.61
C PRO B 58 20.19 8.39 -4.13
N ASP B 59 20.40 9.22 -3.11
CA ASP B 59 21.69 9.30 -2.38
C ASP B 59 21.94 8.08 -1.51
N ILE B 60 20.89 7.57 -0.87
CA ILE B 60 20.95 6.39 -0.01
C ILE B 60 19.90 5.38 -0.45
N ILE B 61 20.30 4.11 -0.53
CA ILE B 61 19.36 3.06 -0.81
C ILE B 61 19.28 2.05 0.33
N PHE B 62 18.05 1.70 0.69
CA PHE B 62 17.78 0.68 1.73
C PHE B 62 17.21 -0.58 1.10
N TRP B 63 17.76 -1.73 1.51
CA TRP B 63 17.28 -3.04 1.07
C TRP B 63 18.01 -4.08 1.90
N ALA B 64 17.54 -5.32 1.88
CA ALA B 64 18.34 -6.39 2.51
C ALA B 64 19.72 -6.54 1.86
N HIS B 65 20.68 -7.03 2.61
CA HIS B 65 22.08 -7.11 2.13
C HIS B 65 22.33 -8.02 0.93
N ASP B 66 21.39 -8.92 0.64
CA ASP B 66 21.60 -9.91 -0.42
C ASP B 66 21.79 -9.26 -1.82
N ARG B 67 21.23 -8.08 -2.02
CA ARG B 67 21.34 -7.32 -3.25
C ARG B 67 22.57 -6.42 -3.36
N PHE B 68 23.32 -6.24 -2.28
CA PHE B 68 24.34 -5.20 -2.26
C PHE B 68 25.66 -5.57 -2.94
N GLY B 69 26.03 -6.85 -2.94
CA GLY B 69 27.21 -7.33 -3.65
C GLY B 69 27.08 -7.04 -5.13
N GLY B 70 25.90 -7.25 -5.66
CA GLY B 70 25.62 -6.96 -7.05
C GLY B 70 25.81 -5.49 -7.35
N TYR B 71 25.27 -4.67 -6.46
CA TYR B 71 25.33 -3.22 -6.62
C TYR B 71 26.76 -2.75 -6.56
N ALA B 72 27.50 -3.33 -5.61
CA ALA B 72 28.91 -3.00 -5.42
C ALA B 72 29.73 -3.40 -6.62
N GLN B 73 29.58 -4.65 -7.06
CA GLN B 73 30.36 -5.19 -8.19
C GLN B 73 30.14 -4.36 -9.46
N SER B 74 28.96 -3.77 -9.62
CA SER B 74 28.71 -2.89 -10.76
C SER B 74 29.20 -1.47 -10.49
N GLY B 75 29.93 -1.27 -9.39
CA GLY B 75 30.46 0.03 -9.01
C GLY B 75 29.40 1.09 -8.66
N LEU B 76 28.26 0.66 -8.14
CA LEU B 76 27.14 1.58 -7.91
C LEU B 76 27.11 2.15 -6.50
N LEU B 77 27.93 1.63 -5.61
CA LEU B 77 27.99 2.06 -4.21
C LEU B 77 29.36 2.53 -3.76
N ALA B 78 29.39 3.50 -2.86
CA ALA B 78 30.61 3.95 -2.25
C ALA B 78 31.02 2.99 -1.17
N GLU B 79 32.33 2.82 -0.99
CA GLU B 79 32.85 2.06 0.12
C GLU B 79 32.56 2.87 1.37
N ILE B 80 32.17 2.21 2.46
CA ILE B 80 31.93 2.97 3.67
C ILE B 80 33.03 2.59 4.66
N THR B 81 33.49 3.59 5.41
CA THR B 81 34.63 3.44 6.34
C THR B 81 34.34 4.15 7.69
N PRO B 82 33.48 3.57 8.53
CA PRO B 82 33.20 4.19 9.80
C PRO B 82 34.38 4.03 10.74
N ALA B 83 34.45 4.88 11.75
CA ALA B 83 35.51 4.78 12.77
C ALA B 83 35.35 3.50 13.59
N ALA B 84 36.44 3.03 14.18
CA ALA B 84 36.45 1.83 15.01
C ALA B 84 35.40 1.94 16.09
N ALA B 85 35.32 3.12 16.69
CA ALA B 85 34.36 3.35 17.78
C ALA B 85 32.93 3.15 17.30
N PHE B 86 32.60 3.64 16.12
CA PHE B 86 31.26 3.44 15.59
C PHE B 86 30.96 1.97 15.21
N GLN B 87 31.93 1.28 14.62
CA GLN B 87 31.75 -0.12 14.29
C GLN B 87 31.44 -0.98 15.52
N ASP B 88 32.10 -0.67 16.62
CA ASP B 88 31.88 -1.40 17.87
C ASP B 88 30.48 -1.20 18.40
N LYS B 89 29.73 -0.23 17.89
CA LYS B 89 28.34 -0.06 18.29
C LYS B 89 27.38 -1.13 17.72
N LEU B 90 27.76 -1.79 16.64
CA LEU B 90 26.89 -2.78 15.97
C LEU B 90 27.49 -4.17 16.08
N TYR B 91 26.62 -5.19 16.02
CA TYR B 91 27.07 -6.60 16.10
C TYR B 91 27.99 -6.92 14.97
N PRO B 92 29.12 -7.60 15.26
CA PRO B 92 30.05 -8.00 14.18
C PRO B 92 29.39 -8.83 13.06
N PHE B 93 28.47 -9.72 13.38
CA PHE B 93 27.86 -10.48 12.29
C PHE B 93 27.03 -9.58 11.36
N THR B 94 26.53 -8.46 11.84
CA THR B 94 25.82 -7.53 10.93
C THR B 94 26.81 -6.85 9.99
N TRP B 95 28.01 -6.59 10.49
CA TRP B 95 29.04 -6.02 9.63
C TRP B 95 29.44 -7.03 8.56
N ASP B 96 29.58 -8.31 8.96
CA ASP B 96 29.84 -9.43 8.02
C ASP B 96 28.88 -9.46 6.85
N ALA B 97 27.58 -9.27 7.10
CA ALA B 97 26.58 -9.30 6.01
C ALA B 97 26.77 -8.21 4.98
N VAL B 98 27.41 -7.12 5.37
CA VAL B 98 27.63 -6.03 4.44
C VAL B 98 29.10 -5.88 4.06
N ARG B 99 29.90 -6.91 4.31
CA ARG B 99 31.26 -6.92 3.82
C ARG B 99 31.34 -7.74 2.53
N TYR B 100 31.84 -7.14 1.46
CA TYR B 100 31.90 -7.79 0.15
C TYR B 100 33.28 -7.58 -0.43
N ASN B 101 34.00 -8.68 -0.69
CA ASN B 101 35.39 -8.66 -1.10
C ASN B 101 36.22 -7.90 -0.06
N GLY B 102 36.06 -8.26 1.21
CA GLY B 102 36.80 -7.64 2.27
C GLY B 102 36.50 -6.17 2.59
N LYS B 103 35.62 -5.50 1.80
CA LYS B 103 35.25 -4.09 2.00
C LYS B 103 33.79 -3.89 2.53
N LEU B 104 33.56 -2.93 3.43
CA LEU B 104 32.17 -2.58 3.85
C LEU B 104 31.48 -1.77 2.76
N ILE B 105 30.30 -2.21 2.37
CA ILE B 105 29.59 -1.59 1.25
C ILE B 105 28.22 -1.00 1.63
N ALA B 106 27.90 -1.06 2.90
CA ALA B 106 26.67 -0.53 3.41
C ALA B 106 26.78 -0.44 4.92
N TYR B 107 25.84 0.29 5.52
CA TYR B 107 25.60 0.26 6.96
C TYR B 107 24.50 -0.73 7.30
N PRO B 108 24.77 -1.68 8.23
CA PRO B 108 23.72 -2.58 8.62
C PRO B 108 22.74 -1.92 9.58
N ILE B 109 21.45 -2.16 9.37
CA ILE B 109 20.38 -1.55 10.19
C ILE B 109 19.64 -2.52 11.07
N ALA B 110 19.15 -3.65 10.53
CA ALA B 110 18.25 -4.55 11.29
C ALA B 110 18.27 -5.98 10.76
N VAL B 111 18.05 -6.96 11.64
CA VAL B 111 18.01 -8.37 11.23
C VAL B 111 16.57 -8.86 11.12
N GLU B 112 16.16 -9.22 9.90
CA GLU B 112 14.81 -9.67 9.58
C GLU B 112 14.80 -11.20 9.36
N ALA B 113 13.96 -11.92 10.09
CA ALA B 113 13.70 -13.33 9.75
C ALA B 113 12.21 -13.53 9.75
N LEU B 114 11.68 -14.37 8.87
CA LEU B 114 10.25 -14.72 8.89
C LEU B 114 9.90 -15.56 10.14
N SER B 115 8.68 -15.37 10.65
CA SER B 115 8.13 -16.21 11.73
C SER B 115 6.71 -16.67 11.39
N LEU B 116 6.22 -17.67 12.15
CA LEU B 116 4.81 -18.09 12.09
C LEU B 116 3.99 -17.15 12.96
N ILE B 117 3.00 -16.50 12.35
CA ILE B 117 2.12 -15.62 13.06
C ILE B 117 0.77 -16.32 13.11
N TYR B 118 0.18 -16.39 14.29
CA TYR B 118 -1.06 -17.12 14.45
C TYR B 118 -2.11 -16.39 15.27
N ASN B 119 -3.38 -16.70 14.97
CA ASN B 119 -4.51 -16.11 15.67
C ASN B 119 -4.76 -16.92 16.95
N LYS B 120 -4.51 -16.31 18.08
CA LYS B 120 -4.68 -16.95 19.37
C LYS B 120 -6.14 -17.40 19.69
N ASP B 121 -7.14 -16.65 19.20
CA ASP B 121 -8.54 -17.01 19.46
C ASP B 121 -9.00 -18.21 18.63
N LEU B 122 -8.52 -18.32 17.40
CA LEU B 122 -8.78 -19.50 16.54
C LEU B 122 -7.91 -20.70 16.85
N LEU B 123 -6.68 -20.46 17.32
CA LEU B 123 -5.66 -21.49 17.38
C LEU B 123 -4.69 -21.24 18.55
N PRO B 124 -5.13 -21.50 19.79
CA PRO B 124 -4.28 -21.18 20.94
C PRO B 124 -2.98 -21.97 20.95
N ASN B 125 -3.01 -23.21 20.46
CA ASN B 125 -1.80 -24.01 20.29
C ASN B 125 -1.43 -24.20 18.78
N PRO B 126 -0.57 -23.34 18.23
CA PRO B 126 -0.24 -23.49 16.79
C PRO B 126 0.51 -24.80 16.50
N PRO B 127 0.37 -25.35 15.29
CA PRO B 127 1.01 -26.60 14.98
C PRO B 127 2.54 -26.52 14.94
N LYS B 128 3.20 -27.59 15.29
CA LYS B 128 4.64 -27.59 15.29
C LYS B 128 5.26 -28.18 14.01
N THR B 129 4.42 -28.81 13.18
CA THR B 129 4.84 -29.42 11.93
C THR B 129 3.96 -28.96 10.75
N TRP B 130 4.58 -28.88 9.58
CA TRP B 130 3.88 -28.65 8.33
C TRP B 130 2.91 -29.75 8.01
N GLU B 131 3.32 -30.98 8.34
CA GLU B 131 2.49 -32.17 8.12
C GLU B 131 1.09 -32.08 8.74
N GLU B 132 0.91 -31.37 9.85
CA GLU B 132 -0.41 -31.19 10.50
C GLU B 132 -1.31 -30.15 9.85
N ILE B 133 -0.77 -29.34 8.96
CA ILE B 133 -1.54 -28.24 8.43
C ILE B 133 -2.71 -28.67 7.57
N PRO B 134 -2.56 -29.69 6.75
CA PRO B 134 -3.73 -30.11 5.97
C PRO B 134 -4.98 -30.50 6.83
N ALA B 135 -4.77 -31.32 7.87
CA ALA B 135 -5.84 -31.74 8.77
C ALA B 135 -6.45 -30.52 9.46
N LEU B 136 -5.60 -29.65 9.96
CA LEU B 136 -6.03 -28.43 10.57
C LEU B 136 -6.85 -27.62 9.58
N ASP B 137 -6.39 -27.52 8.33
CA ASP B 137 -7.15 -26.73 7.35
C ASP B 137 -8.52 -27.29 7.07
N LYS B 138 -8.60 -28.61 6.92
CA LYS B 138 -9.89 -29.25 6.61
C LYS B 138 -10.95 -28.96 7.70
N GLU B 139 -10.49 -29.01 8.93
CA GLU B 139 -11.30 -28.70 10.09
C GLU B 139 -11.77 -27.22 10.06
N LEU B 140 -10.86 -26.32 9.77
CA LEU B 140 -11.19 -24.89 9.70
C LEU B 140 -12.04 -24.54 8.50
N LYS B 141 -11.85 -25.26 7.39
CA LYS B 141 -12.63 -25.02 6.19
C LYS B 141 -14.11 -25.34 6.42
N ALA B 142 -14.37 -26.45 7.11
CA ALA B 142 -15.72 -26.83 7.53
C ALA B 142 -16.47 -25.65 8.14
N LYS B 143 -15.79 -24.85 8.98
CA LYS B 143 -16.42 -23.68 9.60
C LYS B 143 -16.13 -22.35 8.91
N GLY B 144 -15.78 -22.41 7.62
CA GLY B 144 -15.67 -21.21 6.83
C GLY B 144 -14.39 -20.42 7.01
N LYS B 145 -13.37 -21.02 7.63
CA LYS B 145 -12.05 -20.42 7.89
C LYS B 145 -11.01 -21.21 7.12
N SER B 146 -9.73 -20.85 7.23
CA SER B 146 -8.66 -21.71 6.72
C SER B 146 -7.46 -21.71 7.64
N ALA B 147 -6.55 -22.66 7.44
CA ALA B 147 -5.40 -22.82 8.31
C ALA B 147 -4.28 -21.79 8.08
N LEU B 148 -3.89 -21.58 6.84
CA LEU B 148 -2.65 -20.87 6.52
C LEU B 148 -2.72 -20.16 5.19
N MET B 149 -2.36 -18.89 5.19
CA MET B 149 -2.22 -18.14 3.96
C MET B 149 -0.99 -17.26 4.10
N PHE B 150 -0.17 -17.28 3.05
CA PHE B 150 0.97 -16.40 2.94
C PHE B 150 1.28 -16.10 1.51
N ASN B 151 2.16 -15.11 1.29
CA ASN B 151 2.52 -14.67 -0.04
C ASN B 151 3.27 -15.73 -0.82
N LEU B 152 2.59 -16.32 -1.80
CA LEU B 152 3.21 -17.31 -2.70
C LEU B 152 3.87 -16.69 -3.95
N GLN B 153 3.80 -15.38 -4.12
CA GLN B 153 4.35 -14.74 -5.34
C GLN B 153 5.79 -14.29 -5.16
N GLU B 154 6.29 -14.37 -3.91
CA GLU B 154 7.66 -14.02 -3.55
C GLU B 154 8.34 -15.22 -2.89
N PRO B 155 9.43 -15.70 -3.51
CA PRO B 155 10.01 -16.93 -3.04
C PRO B 155 10.63 -16.83 -1.67
N TYR B 156 10.87 -15.60 -1.20
CA TYR B 156 11.27 -15.35 0.17
C TYR B 156 10.41 -16.12 1.18
N PHE B 157 9.11 -16.17 0.91
CA PHE B 157 8.15 -16.74 1.86
C PHE B 157 8.07 -18.25 1.83
N THR B 158 8.35 -18.85 0.68
CA THR B 158 8.32 -20.31 0.54
C THR B 158 9.68 -20.98 0.75
N TRP B 159 10.74 -20.17 0.66
CA TRP B 159 12.08 -20.70 0.80
C TRP B 159 12.31 -21.43 2.14
N PRO B 160 11.74 -20.95 3.24
CA PRO B 160 11.98 -21.70 4.48
C PRO B 160 11.59 -23.17 4.41
N LEU B 161 10.49 -23.45 3.70
CA LEU B 161 10.02 -24.82 3.45
C LEU B 161 10.89 -25.57 2.47
N ILE B 162 11.24 -24.90 1.39
CA ILE B 162 12.13 -25.47 0.40
C ILE B 162 13.49 -25.86 0.97
N ALA B 163 14.02 -25.04 1.87
CA ALA B 163 15.33 -25.29 2.51
C ALA B 163 15.31 -26.30 3.67
N ALA B 164 14.17 -26.51 4.31
CA ALA B 164 14.13 -27.34 5.55
C ALA B 164 14.80 -28.70 5.38
N ASP B 165 14.44 -29.41 4.34
CA ASP B 165 14.94 -30.76 4.13
C ASP B 165 16.17 -30.80 3.23
N GLY B 166 16.77 -29.66 2.89
CA GLY B 166 18.10 -29.63 2.25
C GLY B 166 18.28 -28.73 1.03
N GLY B 167 17.23 -28.01 0.61
CA GLY B 167 17.41 -26.97 -0.38
C GLY B 167 18.47 -25.97 0.06
N TYR B 168 19.22 -25.44 -0.91
CA TYR B 168 20.19 -24.34 -0.67
C TYR B 168 20.23 -23.40 -1.87
N ALA B 169 21.10 -22.39 -1.81
CA ALA B 169 21.24 -21.43 -2.92
C ALA B 169 22.59 -21.81 -3.55
N PHE B 170 23.68 -21.28 -3.03
CA PHE B 170 24.97 -21.66 -3.51
C PHE B 170 25.75 -22.38 -2.42
N LYS B 171 26.48 -23.43 -2.81
CA LYS B 171 27.48 -23.98 -1.93
C LYS B 171 28.34 -22.87 -1.34
N TYR B 172 28.38 -22.78 -0.01
CA TYR B 172 29.27 -21.86 0.67
C TYR B 172 30.09 -22.63 1.67
N ALA B 173 31.40 -22.48 1.60
CA ALA B 173 32.31 -23.15 2.48
C ALA B 173 33.65 -22.41 2.40
N ALA B 174 34.37 -22.40 3.51
CA ALA B 174 35.51 -21.50 3.69
C ALA B 174 34.87 -20.09 3.65
N GLY B 175 35.38 -19.18 2.80
CA GLY B 175 34.66 -17.94 2.47
C GLY B 175 34.35 -17.89 0.99
N LYS B 176 34.36 -19.06 0.35
CA LYS B 176 34.16 -19.22 -1.08
C LYS B 176 32.71 -19.64 -1.34
N TYR B 177 32.19 -19.20 -2.48
CA TYR B 177 30.90 -19.67 -3.00
C TYR B 177 31.14 -20.38 -4.32
N ASP B 178 30.68 -21.62 -4.47
CA ASP B 178 30.70 -22.30 -5.78
C ASP B 178 29.42 -21.87 -6.49
N ILE B 179 29.55 -20.94 -7.42
CA ILE B 179 28.39 -20.38 -8.11
C ILE B 179 27.86 -21.25 -9.28
N LYS B 180 28.60 -22.29 -9.65
CA LYS B 180 28.15 -23.24 -10.65
C LYS B 180 27.15 -24.23 -10.06
N ASP B 181 27.12 -24.32 -8.74
CA ASP B 181 26.39 -25.37 -8.04
C ASP B 181 25.27 -24.77 -7.19
N VAL B 182 24.04 -24.95 -7.65
CA VAL B 182 22.85 -24.38 -7.03
C VAL B 182 21.98 -25.53 -6.48
N GLY B 183 21.41 -25.34 -5.28
CA GLY B 183 20.83 -26.48 -4.53
C GLY B 183 19.31 -26.50 -4.63
N VAL B 184 18.82 -26.04 -5.76
CA VAL B 184 17.44 -25.68 -5.98
C VAL B 184 16.70 -26.90 -6.52
N ASP B 185 17.45 -27.91 -6.96
CA ASP B 185 16.90 -29.06 -7.62
C ASP B 185 17.24 -30.36 -6.90
N ASN B 186 17.59 -30.31 -5.63
CA ASN B 186 17.92 -31.57 -4.96
C ASN B 186 16.66 -32.22 -4.35
N ALA B 187 16.80 -33.40 -3.75
CA ALA B 187 15.65 -34.09 -3.13
C ALA B 187 14.98 -33.29 -2.03
N GLY B 188 15.75 -32.55 -1.25
CA GLY B 188 15.19 -31.75 -0.16
C GLY B 188 14.36 -30.60 -0.69
N ALA B 189 14.88 -29.92 -1.69
CA ALA B 189 14.17 -28.82 -2.35
C ALA B 189 12.90 -29.31 -3.06
N LYS B 190 12.98 -30.44 -3.75
CA LYS B 190 11.81 -31.04 -4.36
C LYS B 190 10.75 -31.43 -3.33
N ALA B 191 11.18 -32.08 -2.24
CA ALA B 191 10.25 -32.51 -1.16
C ALA B 191 9.44 -31.33 -0.65
N GLY B 192 10.14 -30.24 -0.34
CA GLY B 192 9.52 -29.03 0.16
C GLY B 192 8.52 -28.43 -0.79
N LEU B 193 8.92 -28.23 -2.03
CA LEU B 193 8.05 -27.58 -3.00
C LEU B 193 6.90 -28.52 -3.34
N THR B 194 7.17 -29.82 -3.40
CA THR B 194 6.08 -30.81 -3.53
C THR B 194 5.03 -30.71 -2.41
N PHE B 195 5.51 -30.53 -1.20
CA PHE B 195 4.59 -30.32 -0.11
C PHE B 195 3.74 -29.07 -0.31
N LEU B 196 4.34 -27.97 -0.70
CA LEU B 196 3.56 -26.78 -0.98
C LEU B 196 2.54 -26.98 -2.09
N VAL B 197 2.95 -27.62 -3.19
CA VAL B 197 2.06 -27.78 -4.34
C VAL B 197 0.89 -28.71 -3.96
N ASP B 198 1.15 -29.72 -3.14
CA ASP B 198 0.07 -30.54 -2.59
C ASP B 198 -0.85 -29.78 -1.66
N LEU B 199 -0.36 -28.85 -0.86
CA LEU B 199 -1.31 -27.98 -0.14
C LEU B 199 -2.27 -27.34 -1.14
N ILE B 200 -1.76 -26.91 -2.28
CA ILE B 200 -2.61 -26.23 -3.24
C ILE B 200 -3.55 -27.19 -3.98
N LYS B 201 -3.05 -28.36 -4.37
CA LYS B 201 -3.84 -29.34 -5.09
C LYS B 201 -5.00 -29.84 -4.25
N ASN B 202 -4.76 -30.04 -2.95
CA ASN B 202 -5.84 -30.51 -2.07
C ASN B 202 -6.63 -29.35 -1.50
N LYS B 203 -6.56 -28.17 -2.14
CA LYS B 203 -7.41 -27.03 -1.79
C LYS B 203 -7.15 -26.41 -0.41
N HIS B 204 -5.98 -26.62 0.18
CA HIS B 204 -5.66 -25.94 1.43
C HIS B 204 -5.01 -24.52 1.25
N MET B 205 -4.58 -24.15 0.04
CA MET B 205 -4.23 -22.75 -0.30
C MET B 205 -4.58 -22.48 -1.75
N ASN B 206 -4.74 -21.21 -2.11
CA ASN B 206 -4.90 -20.77 -3.51
C ASN B 206 -3.59 -20.30 -4.06
N ALA B 207 -3.26 -20.76 -5.28
CA ALA B 207 -2.00 -20.41 -5.94
C ALA B 207 -1.82 -18.92 -6.18
N ASP B 208 -2.91 -18.14 -6.23
CA ASP B 208 -2.73 -16.72 -6.52
C ASP B 208 -2.73 -15.83 -5.28
N THR B 209 -2.65 -16.44 -4.10
CA THR B 209 -2.52 -15.66 -2.89
C THR B 209 -1.18 -14.94 -2.88
N ASP B 210 -1.27 -13.63 -2.74
CA ASP B 210 -0.14 -12.70 -2.65
C ASP B 210 -0.06 -12.06 -1.23
N TYR B 211 0.85 -11.11 -1.05
CA TYR B 211 1.07 -10.43 0.21
C TYR B 211 -0.22 -9.87 0.80
N SER B 212 -0.96 -9.14 -0.03
CA SER B 212 -2.04 -8.36 0.43
C SER B 212 -3.28 -9.19 0.78
N ILE B 213 -3.58 -10.20 -0.02
CA ILE B 213 -4.67 -11.12 0.26
C ILE B 213 -4.38 -11.91 1.52
N ALA B 214 -3.13 -12.36 1.69
CA ALA B 214 -2.75 -13.11 2.89
C ALA B 214 -2.91 -12.20 4.12
N GLU B 215 -2.55 -10.93 3.96
CA GLU B 215 -2.62 -9.97 5.03
C GLU B 215 -4.03 -9.61 5.41
N ALA B 216 -4.83 -9.27 4.41
CA ALA B 216 -6.25 -9.05 4.61
C ALA B 216 -6.93 -10.27 5.24
N ALA B 217 -6.63 -11.47 4.75
CA ALA B 217 -7.28 -12.69 5.26
C ALA B 217 -6.96 -12.89 6.75
N PHE B 218 -5.70 -12.70 7.13
CA PHE B 218 -5.31 -12.92 8.53
C PHE B 218 -5.86 -11.85 9.47
N ASN B 219 -5.73 -10.60 9.06
CA ASN B 219 -6.11 -9.50 9.93
C ASN B 219 -7.61 -9.32 10.05
N LYS B 220 -8.37 -10.01 9.19
CA LYS B 220 -9.83 -10.01 9.25
C LYS B 220 -10.35 -11.27 9.91
N GLY B 221 -9.48 -12.15 10.39
CA GLY B 221 -9.91 -13.32 11.16
C GLY B 221 -10.25 -14.55 10.32
N GLU B 222 -10.06 -14.47 9.00
CA GLU B 222 -10.45 -15.54 8.10
C GLU B 222 -9.50 -16.74 8.07
N THR B 223 -8.21 -16.53 8.32
CA THR B 223 -7.25 -17.64 8.33
C THR B 223 -6.53 -17.65 9.67
N ALA B 224 -6.03 -18.79 10.09
CA ALA B 224 -5.55 -18.93 11.46
C ALA B 224 -4.06 -18.61 11.60
N MET B 225 -3.35 -18.61 10.48
CA MET B 225 -1.91 -18.46 10.48
C MET B 225 -1.46 -17.75 9.18
N THR B 226 -0.38 -16.99 9.29
CA THR B 226 0.30 -16.46 8.14
C THR B 226 1.80 -16.57 8.42
N ILE B 227 2.60 -16.27 7.42
CA ILE B 227 4.05 -16.23 7.57
C ILE B 227 4.46 -14.87 7.10
N ASN B 228 5.17 -14.13 7.95
CA ASN B 228 5.61 -12.78 7.63
C ASN B 228 6.72 -12.30 8.55
N GLY B 229 7.17 -11.08 8.29
CA GLY B 229 8.29 -10.50 9.02
C GLY B 229 7.78 -9.41 9.98
N PRO B 230 8.69 -8.88 10.81
CA PRO B 230 8.34 -7.91 11.86
C PRO B 230 7.58 -6.71 11.33
N TRP B 231 7.90 -6.27 10.12
CA TRP B 231 7.23 -5.16 9.47
C TRP B 231 5.72 -5.35 9.45
N ALA B 232 5.24 -6.59 9.40
CA ALA B 232 3.81 -6.87 9.32
C ALA B 232 3.01 -6.67 10.64
N TRP B 233 3.69 -6.77 11.80
CA TRP B 233 3.05 -6.75 13.13
C TRP B 233 2.21 -5.53 13.36
N SER B 234 2.70 -4.37 12.89
CA SER B 234 1.98 -3.11 13.03
C SER B 234 0.51 -3.15 12.60
N ASN B 235 0.24 -3.64 11.38
CA ASN B 235 -1.14 -3.68 10.89
C ASN B 235 -2.00 -4.72 11.60
N ILE B 236 -1.39 -5.75 12.16
CA ILE B 236 -2.15 -6.72 12.91
C ILE B 236 -2.57 -6.11 14.27
N ASP B 237 -1.69 -5.32 14.88
CA ASP B 237 -2.04 -4.59 16.10
C ASP B 237 -3.32 -3.79 15.98
N THR B 238 -3.47 -3.04 14.87
CA THR B 238 -4.69 -2.24 14.61
C THR B 238 -5.94 -3.10 14.29
N SER B 239 -5.71 -4.35 13.89
CA SER B 239 -6.82 -5.21 13.54
C SER B 239 -7.44 -5.77 14.82
N ALA B 240 -8.49 -6.57 14.63
CA ALA B 240 -9.23 -7.16 15.73
C ALA B 240 -8.59 -8.47 16.21
N VAL B 241 -7.44 -8.86 15.63
CA VAL B 241 -6.89 -10.18 15.88
C VAL B 241 -5.83 -10.17 16.97
N ASN B 242 -6.01 -11.04 17.97
CA ASN B 242 -4.97 -11.29 18.97
C ASN B 242 -4.04 -12.35 18.41
N TYR B 243 -2.77 -11.99 18.25
CA TYR B 243 -1.83 -12.86 17.57
C TYR B 243 -0.62 -13.22 18.43
N GLY B 244 -0.01 -14.32 18.09
CA GLY B 244 1.27 -14.73 18.66
C GLY B 244 2.21 -14.89 17.49
N VAL B 245 3.49 -14.87 17.81
CA VAL B 245 4.55 -14.95 16.82
C VAL B 245 5.46 -16.04 17.34
N THR B 246 5.79 -17.00 16.49
CA THR B 246 6.41 -18.21 16.96
C THR B 246 7.32 -18.88 15.93
N VAL B 247 7.98 -19.96 16.37
CA VAL B 247 8.88 -20.70 15.51
C VAL B 247 8.06 -21.28 14.36
N LEU B 248 8.63 -21.29 13.18
CA LEU B 248 8.00 -21.85 12.04
C LEU B 248 7.86 -23.34 12.25
N PRO B 249 6.92 -23.98 11.55
CA PRO B 249 6.80 -25.43 11.72
C PRO B 249 7.98 -26.20 11.11
N THR B 250 8.26 -27.37 11.67
CA THR B 250 9.24 -28.26 11.09
C THR B 250 8.67 -29.00 9.87
N PHE B 251 9.54 -29.49 9.00
CA PHE B 251 9.16 -30.30 7.86
C PHE B 251 10.05 -31.53 7.80
N LYS B 252 9.45 -32.71 7.68
CA LYS B 252 10.18 -33.98 7.81
C LYS B 252 11.14 -33.98 9.02
N GLY B 253 10.67 -33.39 10.11
CA GLY B 253 11.43 -33.38 11.37
C GLY B 253 12.50 -32.30 11.51
N GLN B 254 12.71 -31.49 10.47
CA GLN B 254 13.75 -30.48 10.50
C GLN B 254 13.14 -29.09 10.46
N PRO B 255 13.75 -28.15 11.17
CA PRO B 255 13.16 -26.82 11.18
C PRO B 255 13.15 -26.12 9.82
N SER B 256 12.16 -25.25 9.64
CA SER B 256 12.15 -24.40 8.47
C SER B 256 13.39 -23.51 8.57
N LYS B 257 14.02 -23.22 7.42
CA LYS B 257 15.25 -22.45 7.40
C LYS B 257 15.01 -21.18 6.60
N PRO B 258 14.55 -20.12 7.26
CA PRO B 258 14.38 -18.88 6.46
C PRO B 258 15.75 -18.28 6.05
N PHE B 259 15.77 -17.67 4.87
CA PHE B 259 16.90 -16.94 4.46
C PHE B 259 16.79 -15.62 5.20
N VAL B 260 17.81 -15.29 5.98
CA VAL B 260 17.75 -14.18 6.93
C VAL B 260 18.39 -13.01 6.25
N GLY B 261 17.73 -11.86 6.27
CA GLY B 261 18.26 -10.66 5.66
C GLY B 261 18.67 -9.61 6.70
N VAL B 262 19.61 -8.79 6.31
CA VAL B 262 20.00 -7.68 7.11
C VAL B 262 19.64 -6.45 6.33
N LEU B 263 18.61 -5.75 6.78
CA LEU B 263 18.23 -4.47 6.22
C LEU B 263 19.44 -3.54 6.33
N SER B 264 19.85 -2.97 5.19
CA SER B 264 21.12 -2.25 5.06
C SER B 264 20.95 -0.93 4.31
N ALA B 265 21.86 0.02 4.55
CA ALA B 265 21.81 1.30 3.84
C ALA B 265 23.12 1.61 3.13
N GLY B 266 23.01 1.95 1.86
CA GLY B 266 24.11 1.97 0.93
C GLY B 266 24.15 3.36 0.37
N ILE B 267 25.33 3.86 0.05
CA ILE B 267 25.42 5.20 -0.52
C ILE B 267 25.74 5.14 -2.04
N ASN B 268 24.92 5.78 -2.85
CA ASN B 268 25.09 5.79 -4.30
C ASN B 268 26.48 6.34 -4.66
N ALA B 269 27.28 5.59 -5.42
CA ALA B 269 28.63 6.05 -5.80
C ALA B 269 28.51 7.32 -6.61
N ALA B 270 27.35 7.56 -7.19
CA ALA B 270 27.13 8.75 -7.96
C ALA B 270 26.66 9.95 -7.13
N SER B 271 26.53 9.76 -5.84
CA SER B 271 26.05 10.82 -4.98
C SER B 271 27.14 11.88 -4.78
N PRO B 272 26.81 13.15 -4.98
CA PRO B 272 27.68 14.23 -4.54
C PRO B 272 27.48 14.58 -3.05
N ASN B 273 26.73 13.76 -2.31
CA ASN B 273 26.37 14.01 -0.91
C ASN B 273 26.85 12.90 0.01
N LYS B 274 27.99 12.32 -0.30
CA LYS B 274 28.44 11.19 0.50
C LYS B 274 28.73 11.56 1.99
N GLU B 275 29.26 12.76 2.23
CA GLU B 275 29.59 13.17 3.59
C GLU B 275 28.27 13.45 4.39
N LEU B 276 27.32 14.15 3.77
CA LEU B 276 26.04 14.36 4.42
C LEU B 276 25.29 13.04 4.70
N ALA B 277 25.37 12.09 3.76
CA ALA B 277 24.70 10.81 3.94
C ALA B 277 25.32 10.04 5.10
N LYS B 278 26.64 10.10 5.21
CA LYS B 278 27.34 9.40 6.28
C LYS B 278 26.96 10.00 7.64
N GLU B 279 26.90 11.34 7.70
CA GLU B 279 26.43 12.02 8.89
C GLU B 279 25.00 11.59 9.27
N PHE B 280 24.11 11.60 8.29
CA PHE B 280 22.75 11.23 8.59
C PHE B 280 22.65 9.79 9.09
N LEU B 281 23.35 8.88 8.45
CA LEU B 281 23.23 7.50 8.83
C LEU B 281 23.84 7.21 10.19
N GLU B 282 25.06 7.73 10.43
CA GLU B 282 25.77 7.44 11.68
C GLU B 282 25.26 8.20 12.88
N ASN B 283 24.79 9.41 12.68
CA ASN B 283 24.41 10.26 13.80
C ASN B 283 22.95 10.46 14.01
N TYR B 284 22.13 10.14 13.02
CA TYR B 284 20.68 10.30 13.19
C TYR B 284 19.95 8.98 13.13
N LEU B 285 20.13 8.19 12.06
CA LEU B 285 19.39 6.95 11.95
C LEU B 285 19.92 5.88 12.93
N LEU B 286 21.21 5.60 12.92
CA LEU B 286 21.76 4.53 13.72
C LEU B 286 22.03 4.93 15.17
N THR B 287 21.00 5.47 15.79
CA THR B 287 20.97 5.85 17.21
C THR B 287 19.69 5.23 17.81
N ASP B 288 19.61 5.17 19.14
CA ASP B 288 18.41 4.65 19.81
C ASP B 288 17.15 5.39 19.33
N GLU B 289 17.23 6.70 19.25
CA GLU B 289 16.06 7.50 18.93
C GLU B 289 15.71 7.46 17.45
N GLY B 290 16.70 7.29 16.59
CA GLY B 290 16.42 7.20 15.14
C GLY B 290 15.74 5.88 14.84
N LEU B 291 16.32 4.81 15.37
CA LEU B 291 15.77 3.49 15.19
C LEU B 291 14.39 3.37 15.78
N GLU B 292 14.17 3.97 16.95
CA GLU B 292 12.84 3.92 17.59
C GLU B 292 11.78 4.61 16.73
N ALA B 293 12.12 5.75 16.12
CA ALA B 293 11.13 6.43 15.25
C ALA B 293 10.74 5.57 14.07
N VAL B 294 11.68 4.79 13.55
CA VAL B 294 11.38 3.93 12.41
C VAL B 294 10.53 2.75 12.91
N ASN B 295 11.04 2.13 13.98
CA ASN B 295 10.42 0.98 14.60
C ASN B 295 9.00 1.23 15.02
N LYS B 296 8.71 2.43 15.55
CA LYS B 296 7.34 2.81 15.93
C LYS B 296 6.40 2.84 14.74
N ASP B 297 6.92 3.07 13.55
CA ASP B 297 6.09 3.08 12.38
C ASP B 297 5.83 1.62 11.94
N LYS B 298 6.90 0.88 11.64
CA LYS B 298 6.84 -0.55 11.38
C LYS B 298 8.03 -1.28 12.01
N PRO B 299 7.74 -2.33 12.77
CA PRO B 299 8.86 -2.94 13.48
C PRO B 299 9.99 -3.41 12.55
N LEU B 300 11.21 -3.15 12.98
CA LEU B 300 12.39 -3.41 12.19
C LEU B 300 12.86 -4.84 12.35
N GLY B 301 12.47 -5.51 13.42
CA GLY B 301 13.15 -6.74 13.80
C GLY B 301 14.21 -6.47 14.84
N ALA B 302 15.29 -7.24 14.81
CA ALA B 302 16.34 -7.10 15.77
C ALA B 302 17.36 -6.16 15.18
N VAL B 303 17.56 -5.00 15.81
CA VAL B 303 18.44 -3.99 15.20
C VAL B 303 19.92 -4.32 15.37
N ALA B 304 20.72 -3.75 14.47
CA ALA B 304 22.16 -4.01 14.47
C ALA B 304 22.82 -3.24 15.61
N LEU B 305 22.19 -2.15 16.03
CA LEU B 305 22.70 -1.28 17.08
C LEU B 305 22.49 -1.92 18.45
N LYS B 306 23.59 -2.34 19.09
CA LYS B 306 23.50 -3.09 20.38
C LYS B 306 22.65 -2.40 21.45
N SER B 307 22.86 -1.09 21.63
CA SER B 307 22.23 -0.34 22.71
C SER B 307 20.72 -0.40 22.61
N TYR B 308 20.19 -0.27 21.41
CA TYR B 308 18.73 -0.34 21.22
C TYR B 308 18.20 -1.78 21.18
N GLU B 309 19.01 -2.70 20.64
CA GLU B 309 18.62 -4.11 20.57
C GLU B 309 18.36 -4.72 21.97
N GLU B 310 19.10 -4.25 22.96
CA GLU B 310 18.89 -4.67 24.35
C GLU B 310 17.47 -4.37 24.86
N GLU B 311 16.90 -3.27 24.41
CA GLU B 311 15.51 -2.96 24.71
C GLU B 311 14.51 -3.78 23.87
N LEU B 312 14.79 -3.93 22.57
CA LEU B 312 13.93 -4.73 21.67
C LEU B 312 13.91 -6.21 22.01
N ALA B 313 15.01 -6.73 22.57
CA ALA B 313 15.10 -8.12 22.99
C ALA B 313 14.16 -8.50 24.13
N LYS B 314 13.58 -7.52 24.79
CA LYS B 314 12.51 -7.73 25.78
C LYS B 314 11.15 -8.09 25.15
N ASP B 315 10.98 -7.77 23.88
CA ASP B 315 9.73 -8.07 23.18
C ASP B 315 9.77 -9.57 22.81
N PRO B 316 8.76 -10.35 23.23
CA PRO B 316 8.74 -11.78 22.88
C PRO B 316 8.60 -12.07 21.37
N ARG B 317 8.14 -11.11 20.58
CA ARG B 317 8.04 -11.30 19.14
C ARG B 317 9.45 -11.30 18.53
N ILE B 318 10.32 -10.46 19.10
CA ILE B 318 11.72 -10.38 18.67
C ILE B 318 12.47 -11.66 19.07
N ALA B 319 12.10 -12.22 20.21
CA ALA B 319 12.65 -13.48 20.65
C ALA B 319 12.34 -14.57 19.62
N ALA B 320 11.09 -14.62 19.16
CA ALA B 320 10.72 -15.59 18.14
C ALA B 320 11.48 -15.32 16.84
N THR B 321 11.53 -14.06 16.44
CA THR B 321 12.28 -13.70 15.24
C THR B 321 13.71 -14.24 15.31
N MET B 322 14.37 -14.14 16.47
CA MET B 322 15.75 -14.58 16.61
C MET B 322 15.84 -16.10 16.64
N GLU B 323 14.86 -16.77 17.23
CA GLU B 323 14.83 -18.26 17.14
C GLU B 323 14.76 -18.75 15.68
N ASN B 324 13.89 -18.14 14.89
CA ASN B 324 13.80 -18.47 13.48
C ASN B 324 15.06 -18.10 12.69
N ALA B 325 15.64 -16.95 12.99
CA ALA B 325 16.90 -16.54 12.37
C ALA B 325 18.00 -17.58 12.62
N GLN B 326 18.06 -18.08 13.85
CA GLN B 326 19.08 -19.02 14.31
C GLN B 326 18.95 -20.33 13.54
N LYS B 327 17.71 -20.73 13.27
CA LYS B 327 17.45 -21.97 12.55
C LYS B 327 17.65 -21.78 11.05
N GLY B 328 17.55 -20.55 10.57
CA GLY B 328 17.81 -20.20 9.20
C GLY B 328 19.28 -19.91 8.89
N GLU B 329 19.46 -19.13 7.84
CA GLU B 329 20.76 -18.83 7.29
C GLU B 329 20.77 -17.36 6.78
N ILE B 330 21.81 -16.61 7.18
CA ILE B 330 22.08 -15.31 6.60
C ILE B 330 22.35 -15.47 5.09
N MET B 331 21.61 -14.73 4.26
CA MET B 331 21.80 -14.80 2.80
C MET B 331 23.23 -14.46 2.39
N PRO B 332 23.72 -15.11 1.34
CA PRO B 332 24.93 -14.57 0.72
C PRO B 332 24.63 -13.18 0.16
N ASN B 333 25.66 -12.34 -0.01
CA ASN B 333 25.46 -11.03 -0.65
C ASN B 333 26.11 -10.94 -2.05
N ILE B 334 26.57 -12.10 -2.58
CA ILE B 334 27.23 -12.12 -3.90
C ILE B 334 26.28 -11.65 -5.00
N PRO B 335 26.82 -11.07 -6.09
CA PRO B 335 25.99 -10.56 -7.21
C PRO B 335 25.03 -11.61 -7.82
N GLN B 336 25.40 -12.88 -7.77
CA GLN B 336 24.59 -13.97 -8.31
C GLN B 336 23.20 -14.15 -7.64
N MET B 337 23.02 -13.60 -6.44
CA MET B 337 21.78 -13.80 -5.67
C MET B 337 20.56 -13.34 -6.41
N SER B 338 20.68 -12.27 -7.15
CA SER B 338 19.57 -11.79 -7.93
C SER B 338 19.12 -12.89 -8.95
N ALA B 339 20.07 -13.65 -9.52
CA ALA B 339 19.77 -14.71 -10.44
C ALA B 339 19.12 -15.87 -9.72
N PHE B 340 19.66 -16.20 -8.55
CA PHE B 340 19.08 -17.25 -7.74
C PHE B 340 17.61 -16.98 -7.51
N TRP B 341 17.30 -15.78 -7.00
CA TRP B 341 15.92 -15.38 -6.68
C TRP B 341 15.00 -15.35 -7.88
N TYR B 342 15.44 -14.78 -8.98
CA TYR B 342 14.56 -14.73 -10.13
C TYR B 342 14.19 -16.16 -10.59
N ALA B 343 15.14 -17.08 -10.56
CA ALA B 343 14.91 -18.45 -10.96
C ALA B 343 14.03 -19.18 -10.00
N VAL B 344 14.21 -18.95 -8.70
CA VAL B 344 13.31 -19.56 -7.72
C VAL B 344 11.91 -18.92 -7.78
N ARG B 345 11.82 -17.62 -8.03
CA ARG B 345 10.49 -17.00 -8.12
C ARG B 345 9.66 -17.68 -9.20
N THR B 346 10.27 -17.83 -10.37
CA THR B 346 9.62 -18.43 -11.51
C THR B 346 9.19 -19.86 -11.24
N ALA B 347 10.10 -20.66 -10.70
CA ALA B 347 9.80 -22.04 -10.33
C ALA B 347 8.58 -22.23 -9.44
N VAL B 348 8.51 -21.44 -8.36
CA VAL B 348 7.42 -21.55 -7.39
C VAL B 348 6.10 -21.16 -8.03
N ILE B 349 6.09 -20.03 -8.74
CA ILE B 349 4.87 -19.58 -9.37
C ILE B 349 4.42 -20.58 -10.48
N ASN B 350 5.37 -21.16 -11.22
CA ASN B 350 5.04 -22.13 -12.25
C ASN B 350 4.49 -23.43 -11.64
N ALA B 351 5.12 -23.92 -10.57
CA ALA B 351 4.65 -25.13 -9.92
C ALA B 351 3.34 -24.89 -9.19
N ALA B 352 3.17 -23.74 -8.57
CA ALA B 352 1.93 -23.47 -7.82
C ALA B 352 0.73 -23.36 -8.72
N SER B 353 0.93 -22.75 -9.88
CA SER B 353 -0.15 -22.52 -10.83
C SER B 353 -0.38 -23.71 -11.73
N GLY B 354 0.51 -24.69 -11.73
CA GLY B 354 0.30 -25.89 -12.54
C GLY B 354 0.85 -25.76 -13.95
N ARG B 355 1.54 -24.67 -14.24
CA ARG B 355 2.20 -24.49 -15.54
C ARG B 355 3.35 -25.49 -15.72
N GLN B 356 4.04 -25.83 -14.62
N GLN B 356 4.03 -25.82 -14.62
CA GLN B 356 5.09 -26.85 -14.64
CA GLN B 356 5.05 -26.86 -14.65
C GLN B 356 4.89 -27.79 -13.46
C GLN B 356 4.85 -27.80 -13.47
N THR B 357 5.37 -29.02 -13.61
CA THR B 357 5.50 -29.93 -12.50
C THR B 357 6.60 -29.40 -11.61
N VAL B 358 6.59 -29.82 -10.36
CA VAL B 358 7.61 -29.49 -9.41
C VAL B 358 8.97 -29.81 -9.98
N ASP B 359 9.13 -31.06 -10.42
CA ASP B 359 10.39 -31.55 -10.99
C ASP B 359 10.90 -30.75 -12.19
N ALA B 360 10.02 -30.42 -13.12
CA ALA B 360 10.44 -29.62 -14.28
C ALA B 360 10.67 -28.14 -13.91
N ALA B 361 9.89 -27.62 -12.95
CA ALA B 361 10.06 -26.21 -12.51
C ALA B 361 11.43 -26.01 -11.87
N LEU B 362 11.78 -26.95 -11.02
CA LEU B 362 13.01 -26.89 -10.25
C LEU B 362 14.21 -27.24 -11.09
N ALA B 363 14.09 -28.22 -11.98
CA ALA B 363 15.18 -28.53 -12.92
C ALA B 363 15.53 -27.29 -13.77
N ALA B 364 14.50 -26.56 -14.21
CA ALA B 364 14.70 -25.38 -15.05
C ALA B 364 15.25 -24.24 -14.23
N ALA B 365 14.88 -24.18 -12.94
CA ALA B 365 15.38 -23.18 -12.08
C ALA B 365 16.87 -23.39 -11.88
N GLN B 366 17.28 -24.63 -11.64
CA GLN B 366 18.69 -24.92 -11.41
C GLN B 366 19.49 -24.51 -12.64
N THR B 367 19.00 -24.89 -13.82
CA THR B 367 19.68 -24.57 -15.06
C THR B 367 19.84 -23.06 -15.30
N ASN B 368 18.75 -22.30 -15.16
CA ASN B 368 18.80 -20.87 -15.40
CA ASN B 368 18.72 -20.83 -15.35
C ASN B 368 19.59 -20.13 -14.31
N ALA B 369 19.52 -20.61 -13.06
CA ALA B 369 20.31 -20.02 -11.99
C ALA B 369 21.77 -20.21 -12.22
N ALA B 370 22.16 -21.45 -12.45
CA ALA B 370 23.54 -21.80 -12.71
C ALA B 370 24.10 -21.01 -13.89
N ALA B 371 23.35 -20.97 -14.98
CA ALA B 371 23.83 -20.36 -16.22
C ALA B 371 23.99 -18.85 -16.11
N ASN B 372 22.99 -18.19 -15.55
CA ASN B 372 23.13 -16.77 -15.25
C ASN B 372 24.21 -16.48 -14.20
N SER B 373 24.35 -17.33 -13.19
CA SER B 373 25.39 -17.14 -12.19
C SER B 373 26.82 -17.24 -12.79
N VAL B 374 27.09 -18.29 -13.55
CA VAL B 374 28.40 -18.43 -14.15
C VAL B 374 28.55 -17.33 -15.22
N GLY B 375 27.46 -17.01 -15.91
CA GLY B 375 27.42 -15.88 -16.85
C GLY B 375 27.86 -14.54 -16.27
N GLU B 376 27.48 -14.29 -15.01
CA GLU B 376 27.85 -13.04 -14.36
C GLU B 376 29.27 -13.05 -13.93
N ALA B 377 29.77 -14.19 -13.49
CA ALA B 377 31.20 -14.30 -13.23
C ALA B 377 31.97 -14.01 -14.53
N CYS B 378 31.62 -14.68 -15.63
CA CYS B 378 32.36 -14.51 -16.87
C CYS B 378 32.31 -13.06 -17.35
N THR B 379 31.15 -12.41 -17.17
CA THR B 379 30.99 -11.00 -17.50
C THR B 379 31.92 -10.09 -16.69
N ASP B 380 32.08 -10.40 -15.40
CA ASP B 380 32.98 -9.65 -14.55
C ASP B 380 34.46 -9.86 -14.93
N MET B 381 34.82 -11.07 -15.30
CA MET B 381 36.17 -11.33 -15.77
C MET B 381 36.44 -10.61 -17.08
N LYS B 382 35.42 -10.49 -17.93
CA LYS B 382 35.54 -9.78 -19.19
C LYS B 382 35.76 -8.30 -18.98
N ARG B 383 35.01 -7.74 -18.03
CA ARG B 383 35.06 -6.31 -17.75
C ARG B 383 36.46 -5.92 -17.24
N GLU B 384 37.07 -6.85 -16.48
CA GLU B 384 38.41 -6.75 -15.98
C GLU B 384 39.47 -6.81 -17.10
N TYR B 385 39.30 -7.74 -18.04
CA TYR B 385 40.16 -7.81 -19.22
C TYR B 385 40.05 -6.46 -19.96
N ASP B 386 38.81 -5.97 -20.13
CA ASP B 386 38.52 -4.76 -20.89
C ASP B 386 39.20 -3.51 -20.35
N GLN B 387 39.11 -3.33 -19.05
CA GLN B 387 39.77 -2.21 -18.40
C GLN B 387 41.28 -2.31 -18.56
N CYS B 388 41.83 -3.50 -18.43
CA CYS B 388 43.26 -3.67 -18.72
C CYS B 388 43.54 -3.30 -20.19
N PHE B 389 42.75 -3.86 -21.10
CA PHE B 389 43.01 -3.67 -22.53
C PHE B 389 42.85 -2.21 -23.00
N ASN B 390 41.71 -1.60 -22.65
CA ASN B 390 41.39 -0.22 -22.99
C ASN B 390 42.44 0.76 -22.46
N ARG B 391 42.83 0.58 -21.21
CA ARG B 391 43.91 1.35 -20.66
C ARG B 391 45.22 1.16 -21.45
N TRP B 392 45.61 -0.08 -21.71
CA TRP B 392 46.85 -0.35 -22.44
C TRP B 392 46.79 0.21 -23.88
N PHE B 393 45.62 0.08 -24.50
CA PHE B 393 45.44 0.46 -25.91
C PHE B 393 45.54 1.98 -26.10
N ALA B 394 44.82 2.72 -25.26
CA ALA B 394 44.80 4.19 -25.28
C ALA B 394 46.12 4.82 -24.83
N GLU B 395 46.62 4.36 -23.69
CA GLU B 395 47.78 4.97 -23.05
C GLU B 395 49.13 4.41 -23.54
N LYS B 396 49.16 3.21 -24.15
CA LYS B 396 50.41 2.62 -24.66
C LYS B 396 50.45 2.38 -26.18
N PHE B 397 49.51 1.60 -26.70
CA PHE B 397 49.59 1.20 -28.12
C PHE B 397 49.44 2.40 -29.04
N LEU B 398 48.40 3.19 -28.81
CA LEU B 398 48.07 4.33 -29.65
C LEU B 398 49.05 5.48 -29.47
N LYS B 399 50.00 5.35 -28.54
CA LYS B 399 51.08 6.32 -28.38
C LYS B 399 52.40 5.73 -28.81
N GLY B 400 52.34 4.64 -29.56
CA GLY B 400 53.56 4.04 -30.13
C GLY B 400 54.55 3.56 -29.09
N ASP B 401 54.04 3.15 -27.93
CA ASP B 401 54.88 2.76 -26.80
C ASP B 401 54.49 1.36 -26.32
N SER B 402 54.19 0.49 -27.29
CA SER B 402 53.84 -0.91 -27.02
C SER B 402 55.03 -1.84 -27.24
N SER B 403 55.22 -2.80 -26.35
CA SER B 403 56.12 -3.94 -26.60
C SER B 403 55.46 -5.27 -26.23
N GLY B 404 54.14 -5.34 -26.37
CA GLY B 404 53.42 -6.53 -26.02
C GLY B 404 52.15 -6.19 -25.30
N ASP B 405 51.21 -7.10 -25.38
CA ASP B 405 49.90 -6.95 -24.78
C ASP B 405 49.95 -7.62 -23.41
N PRO B 406 49.88 -6.81 -22.34
CA PRO B 406 49.99 -7.35 -21.01
C PRO B 406 48.69 -8.00 -20.50
N CYS B 407 47.62 -7.93 -21.30
CA CYS B 407 46.28 -8.30 -20.85
C CYS B 407 45.88 -9.73 -21.20
N THR B 408 46.81 -10.50 -21.78
CA THR B 408 46.49 -11.82 -22.31
C THR B 408 46.04 -12.84 -21.23
N ASP B 409 46.62 -12.84 -20.04
CA ASP B 409 46.16 -13.79 -18.97
C ASP B 409 44.77 -13.44 -18.45
N LEU B 410 44.45 -12.16 -18.38
CA LEU B 410 43.09 -11.77 -18.08
C LEU B 410 42.10 -12.28 -19.15
N PHE B 411 42.50 -12.24 -20.42
CA PHE B 411 41.64 -12.78 -21.45
C PHE B 411 41.46 -14.28 -21.31
N LYS B 412 42.51 -15.00 -21.00
CA LYS B 412 42.49 -16.47 -20.95
C LYS B 412 41.65 -16.98 -19.77
N ARG B 413 41.61 -16.21 -18.68
CA ARG B 413 40.79 -16.51 -17.54
C ARG B 413 39.32 -16.42 -17.94
N TYR B 414 39.01 -15.32 -18.63
CA TYR B 414 37.69 -15.10 -19.20
C TYR B 414 37.30 -16.17 -20.21
N GLN B 415 38.26 -16.52 -21.07
CA GLN B 415 38.02 -17.51 -22.11
C GLN B 415 37.71 -18.85 -21.48
N GLN B 416 38.49 -19.23 -20.47
CA GLN B 416 38.24 -20.42 -19.67
C GLN B 416 36.86 -20.43 -19.04
N CYS B 417 36.46 -19.34 -18.41
CA CYS B 417 35.12 -19.26 -17.79
C CYS B 417 34.00 -19.51 -18.80
N VAL B 418 34.09 -18.90 -19.97
CA VAL B 418 33.06 -19.08 -21.00
C VAL B 418 33.13 -20.52 -21.53
N GLN B 419 34.34 -20.93 -21.87
CA GLN B 419 34.67 -22.25 -22.44
C GLN B 419 34.33 -23.41 -21.50
N LYS B 420 34.40 -23.14 -20.19
CA LYS B 420 33.86 -23.99 -19.16
C LYS B 420 32.34 -23.98 -19.25
N ALA B 421 31.73 -22.81 -19.13
CA ALA B 421 30.27 -22.71 -19.04
C ALA B 421 29.62 -23.17 -20.34
C1 GLC C . -22.22 11.57 0.59
C2 GLC C . -20.76 11.39 0.99
C3 GLC C . -19.84 10.94 -0.14
C4 GLC C . -20.56 9.91 -1.02
C5 GLC C . -21.92 10.40 -1.53
C6 GLC C . -22.69 9.29 -2.21
O1 GLC C . -22.37 12.87 0.16
O2 GLC C . -20.27 12.61 1.50
O3 GLC C . -18.58 10.52 0.39
O4 GLC C . -19.79 9.68 -2.17
O5 GLC C . -22.72 10.74 -0.44
O6 GLC C . -23.79 9.87 -2.83
C1 GLC C . -19.00 8.51 -2.09
C2 GLC C . -17.64 8.89 -2.62
C3 GLC C . -17.77 9.35 -4.08
C4 GLC C . -18.44 8.25 -4.93
C5 GLC C . -19.75 7.79 -4.27
C6 GLC C . -20.35 6.54 -4.91
O2 GLC C . -17.07 9.90 -1.82
O3 GLC C . -16.46 9.64 -4.49
O4 GLC C . -18.81 8.72 -6.22
O5 GLC C . -19.52 7.48 -2.89
O6 GLC C . -21.75 6.43 -4.63
C1 GLC D . 10.79 -7.88 2.51
C2 GLC D . 12.22 -8.19 2.94
C3 GLC D . 13.09 -8.55 1.74
C4 GLC D . 12.39 -9.59 0.87
C5 GLC D . 10.96 -9.19 0.56
C6 GLC D . 10.24 -10.27 -0.24
O1 GLC D . 10.79 -6.71 1.68
O2 GLC D . 12.79 -7.07 3.62
O3 GLC D . 14.34 -9.06 2.19
O4 GLC D . 13.11 -9.74 -0.36
O5 GLC D . 10.25 -8.98 1.79
O6 GLC D . 9.16 -9.68 -0.97
C1 GLC D . 13.97 -10.89 -0.26
C2 GLC D . 15.37 -10.54 -0.75
C3 GLC D . 15.36 -10.27 -2.25
C4 GLC D . 14.64 -11.37 -3.01
C5 GLC D . 13.29 -11.68 -2.38
C6 GLC D . 12.60 -12.84 -3.09
O2 GLC D . 15.84 -9.39 -0.05
O3 GLC D . 16.71 -10.16 -2.72
O4 GLC D . 14.46 -10.98 -4.38
O5 GLC D . 13.47 -12.00 -1.01
O6 GLC D . 11.26 -12.96 -2.63
#